data_2LB0
#
_entry.id   2LB0
#
loop_
_entity.id
_entity.type
_entity.pdbx_description
1 polymer 'E3 ubiquitin-protein ligase SMURF1'
2 polymer 'Mothers against decapentaplegic homolog 1'
#
loop_
_entity_poly.entity_id
_entity_poly.type
_entity_poly.pdbx_seq_one_letter_code
_entity_poly.pdbx_strand_id
1 'polypeptide(L)' GAMELPEGYEQRTTVQGQVYFLHTQTGVSTWHDPRI A
2 'polypeptide(L)' TS(SEP)DPG(SEP)PFQ B
#
# COMPACT_ATOMS: atom_id res chain seq x y z
N GLU A 4 8.52 0.75 10.76
CA GLU A 4 9.18 1.53 9.70
C GLU A 4 9.15 0.76 8.38
N LEU A 5 9.21 1.48 7.27
CA LEU A 5 9.23 0.85 5.96
C LEU A 5 10.51 1.22 5.23
N PRO A 6 10.86 0.48 4.19
CA PRO A 6 11.83 0.94 3.21
C PRO A 6 11.22 2.09 2.41
N GLU A 7 12.06 2.98 1.94
CA GLU A 7 11.57 4.16 1.25
C GLU A 7 10.97 3.81 -0.10
N GLY A 8 9.88 4.48 -0.43
CA GLY A 8 9.17 4.19 -1.65
C GLY A 8 7.71 3.87 -1.41
N TYR A 9 7.39 3.43 -0.20
CA TYR A 9 6.02 3.10 0.15
C TYR A 9 5.36 4.29 0.84
N GLU A 10 4.11 4.54 0.49
CA GLU A 10 3.31 5.48 1.24
C GLU A 10 2.28 4.72 2.05
N GLN A 11 1.96 5.21 3.23
CA GLN A 11 1.00 4.54 4.09
C GLN A 11 -0.38 5.08 3.77
N ARG A 12 -1.12 4.28 3.02
CA ARG A 12 -2.43 4.69 2.56
C ARG A 12 -3.53 3.85 3.21
N THR A 13 -4.57 4.54 3.65
CA THR A 13 -5.67 3.92 4.35
C THR A 13 -6.98 4.38 3.72
N THR A 14 -7.88 3.45 3.50
CA THR A 14 -9.18 3.76 2.94
C THR A 14 -10.28 3.54 3.97
N VAL A 15 -11.35 4.31 3.87
CA VAL A 15 -12.54 4.15 4.71
C VAL A 15 -13.06 2.72 4.68
N GLN A 16 -12.62 1.98 3.69
CA GLN A 16 -12.86 0.54 3.58
C GLN A 16 -12.43 -0.20 4.87
N GLY A 17 -11.59 0.45 5.67
CA GLY A 17 -11.20 -0.10 6.95
C GLY A 17 -9.92 -0.92 6.85
N GLN A 18 -9.35 -0.95 5.67
CA GLN A 18 -8.16 -1.74 5.41
C GLN A 18 -7.07 -0.84 4.85
N VAL A 19 -5.83 -1.18 5.12
CA VAL A 19 -4.70 -0.40 4.61
C VAL A 19 -4.05 -1.13 3.45
N TYR A 20 -3.70 -0.39 2.42
CA TYR A 20 -3.01 -0.97 1.28
C TYR A 20 -1.71 -0.22 1.00
N PHE A 21 -0.60 -0.95 1.01
CA PHE A 21 0.72 -0.35 0.93
C PHE A 21 1.17 -0.21 -0.50
N LEU A 22 1.25 1.04 -0.95
CA LEU A 22 1.60 1.32 -2.33
C LEU A 22 2.97 1.91 -2.51
N HIS A 23 3.65 1.32 -3.48
CA HIS A 23 5.00 1.67 -3.87
C HIS A 23 5.09 1.52 -5.36
N THR A 24 4.95 2.58 -6.12
CA THR A 24 5.07 2.37 -7.54
C THR A 24 6.48 2.69 -8.01
N GLN A 25 7.30 1.66 -7.93
CA GLN A 25 8.43 1.44 -8.79
C GLN A 25 8.01 0.39 -9.80
N THR A 26 7.52 -0.70 -9.22
CA THR A 26 7.09 -1.88 -9.94
C THR A 26 5.64 -2.18 -9.67
N GLY A 27 5.00 -1.12 -9.36
CA GLY A 27 3.60 -1.11 -8.98
C GLY A 27 3.27 -2.06 -7.84
N VAL A 28 3.66 -1.70 -6.61
CA VAL A 28 3.28 -2.50 -5.45
C VAL A 28 1.97 -2.03 -4.87
N SER A 29 0.99 -2.92 -4.93
CA SER A 29 -0.28 -2.74 -4.26
C SER A 29 -0.57 -3.97 -3.43
N THR A 30 -0.41 -3.86 -2.13
CA THR A 30 -0.42 -5.04 -1.27
C THR A 30 -1.14 -4.81 0.05
N TRP A 31 -1.72 -5.88 0.59
CA TRP A 31 -2.32 -5.84 1.91
C TRP A 31 -1.25 -5.86 2.99
N HIS A 32 -0.14 -6.56 2.71
CA HIS A 32 0.89 -6.78 3.72
C HIS A 32 1.85 -5.61 3.79
N ASP A 33 2.25 -5.27 5.00
CA ASP A 33 3.33 -4.32 5.21
C ASP A 33 4.59 -4.87 4.55
N PRO A 34 5.21 -4.12 3.65
CA PRO A 34 6.32 -4.63 2.86
C PRO A 34 7.59 -4.81 3.65
N ARG A 35 7.63 -4.23 4.83
CA ARG A 35 8.74 -4.45 5.73
C ARG A 35 8.56 -5.80 6.39
N ILE A 36 7.38 -6.35 6.19
CA ILE A 36 7.05 -7.69 6.70
C ILE A 36 6.59 -8.60 5.57
N THR B 1 -0.23 9.74 -0.57
CA THR B 1 -1.57 10.13 -1.06
C THR B 1 -1.60 10.10 -2.60
N SER B 2 -1.00 9.06 -3.17
CA SER B 2 -0.97 8.90 -4.62
C SER B 2 -0.97 7.42 -4.99
N ASP B 4 -2.41 4.39 -7.93
CA ASP B 4 -2.97 4.04 -9.23
C ASP B 4 -3.93 2.81 -9.19
N PRO B 5 -3.95 1.97 -8.13
CA PRO B 5 -4.69 0.71 -8.11
C PRO B 5 -6.02 0.83 -7.39
N GLY B 6 -6.91 -0.10 -7.65
CA GLY B 6 -8.18 -0.11 -6.95
C GLY B 6 -8.04 -0.94 -5.68
N PRO B 8 -8.85 -3.71 -2.80
CA PRO B 8 -9.26 -5.12 -2.86
C PRO B 8 -10.26 -5.50 -1.77
N PHE B 9 -11.13 -6.44 -2.12
CA PHE B 9 -12.14 -6.94 -1.18
C PHE B 9 -11.75 -8.32 -0.68
N GLN B 10 -10.53 -8.72 -0.98
CA GLN B 10 -10.03 -10.02 -0.59
C GLN B 10 -9.35 -9.97 0.77
N GLU A 4 7.69 0.03 10.20
CA GLU A 4 8.51 1.05 9.51
C GLU A 4 8.94 0.52 8.15
N LEU A 5 8.46 1.15 7.09
CA LEU A 5 8.75 0.70 5.74
C LEU A 5 10.01 1.39 5.24
N PRO A 6 10.68 0.79 4.25
CA PRO A 6 11.72 1.48 3.50
C PRO A 6 11.11 2.57 2.64
N GLU A 7 11.92 3.55 2.30
CA GLU A 7 11.40 4.74 1.62
C GLU A 7 10.97 4.42 0.19
N GLY A 8 9.71 4.71 -0.07
CA GLY A 8 9.10 4.40 -1.33
C GLY A 8 7.69 3.87 -1.16
N TYR A 9 7.37 3.44 0.06
CA TYR A 9 6.04 2.92 0.36
C TYR A 9 5.22 3.97 1.10
N GLU A 10 3.96 4.07 0.75
CA GLU A 10 3.02 4.87 1.51
C GLU A 10 2.01 3.95 2.19
N GLN A 11 1.70 4.23 3.43
CA GLN A 11 0.69 3.47 4.13
C GLN A 11 -0.66 4.13 3.91
N ARG A 12 -1.40 3.60 2.96
CA ARG A 12 -2.61 4.25 2.52
C ARG A 12 -3.83 3.69 3.24
N THR A 13 -4.52 4.58 3.93
CA THR A 13 -5.71 4.23 4.68
C THR A 13 -6.95 4.78 3.98
N THR A 14 -7.70 3.89 3.35
CA THR A 14 -8.94 4.27 2.69
C THR A 14 -10.10 4.15 3.67
N VAL A 15 -11.13 4.97 3.50
CA VAL A 15 -12.32 4.96 4.36
C VAL A 15 -12.88 3.54 4.50
N GLN A 16 -12.57 2.72 3.48
CA GLN A 16 -12.84 1.30 3.48
C GLN A 16 -12.44 0.63 4.80
N GLY A 17 -11.36 1.12 5.40
CA GLY A 17 -10.90 0.57 6.66
C GLY A 17 -9.64 -0.26 6.49
N GLN A 18 -9.35 -0.63 5.26
CA GLN A 18 -8.18 -1.45 4.97
C GLN A 18 -7.01 -0.60 4.52
N VAL A 19 -5.85 -0.86 5.11
CA VAL A 19 -4.63 -0.18 4.71
C VAL A 19 -3.92 -1.00 3.62
N TYR A 20 -3.58 -0.35 2.52
CA TYR A 20 -2.89 -1.02 1.44
C TYR A 20 -1.57 -0.32 1.13
N PHE A 21 -0.50 -1.11 1.07
CA PHE A 21 0.86 -0.58 0.93
C PHE A 21 1.25 -0.42 -0.52
N LEU A 22 1.28 0.83 -0.97
CA LEU A 22 1.65 1.13 -2.33
C LEU A 22 3.01 1.79 -2.46
N HIS A 23 3.74 1.25 -3.43
CA HIS A 23 5.07 1.69 -3.77
C HIS A 23 5.19 1.65 -5.27
N THR A 24 5.15 2.78 -5.94
CA THR A 24 5.31 2.69 -7.36
C THR A 24 6.75 2.99 -7.76
N GLN A 25 7.53 1.93 -7.75
CA GLN A 25 8.65 1.74 -8.66
C GLN A 25 8.18 0.77 -9.72
N THR A 26 7.68 -0.35 -9.20
CA THR A 26 7.25 -1.47 -10.00
C THR A 26 5.80 -1.80 -9.76
N GLY A 27 5.16 -0.78 -9.37
CA GLY A 27 3.77 -0.82 -8.96
C GLY A 27 3.47 -1.88 -7.91
N VAL A 28 3.86 -1.62 -6.66
CA VAL A 28 3.51 -2.53 -5.57
C VAL A 28 2.19 -2.17 -4.95
N SER A 29 1.24 -3.06 -5.12
CA SER A 29 -0.07 -2.97 -4.47
C SER A 29 -0.33 -4.26 -3.71
N THR A 30 -0.25 -4.18 -2.40
CA THR A 30 -0.25 -5.39 -1.60
C THR A 30 -0.86 -5.21 -0.21
N TRP A 31 -1.43 -6.29 0.31
CA TRP A 31 -1.98 -6.33 1.66
C TRP A 31 -0.88 -6.43 2.71
N HIS A 32 0.31 -6.90 2.32
CA HIS A 32 1.35 -7.16 3.30
C HIS A 32 2.31 -5.98 3.42
N ASP A 33 2.65 -5.63 4.65
CA ASP A 33 3.70 -4.65 4.92
C ASP A 33 4.98 -5.14 4.26
N PRO A 34 5.59 -4.32 3.40
CA PRO A 34 6.76 -4.74 2.63
C PRO A 34 8.01 -4.87 3.45
N ARG A 35 7.98 -4.33 4.65
CA ARG A 35 9.06 -4.49 5.57
C ARG A 35 8.94 -5.86 6.21
N ILE A 36 7.80 -6.48 5.96
CA ILE A 36 7.54 -7.82 6.44
C ILE A 36 7.15 -8.74 5.28
N THR B 1 -0.96 8.97 -0.77
CA THR B 1 -2.36 9.40 -0.98
C THR B 1 -2.79 9.25 -2.44
N SER B 2 -1.85 8.90 -3.32
CA SER B 2 -2.15 8.76 -4.72
C SER B 2 -1.95 7.31 -5.16
N ASP B 4 -2.55 4.30 -8.00
CA ASP B 4 -2.91 3.86 -9.34
C ASP B 4 -3.78 2.59 -9.34
N PRO B 5 -3.73 1.71 -8.29
CA PRO B 5 -4.48 0.48 -8.27
C PRO B 5 -5.77 0.63 -7.45
N GLY B 6 -6.72 -0.27 -7.67
CA GLY B 6 -7.95 -0.23 -6.92
C GLY B 6 -7.82 -1.04 -5.65
N PRO B 8 -8.68 -3.70 -2.64
CA PRO B 8 -9.15 -5.09 -2.64
C PRO B 8 -10.17 -5.40 -1.54
N PHE B 9 -11.29 -5.97 -1.95
CA PHE B 9 -12.30 -6.45 -1.02
C PHE B 9 -12.00 -7.89 -0.62
N GLN B 10 -11.24 -8.06 0.45
CA GLN B 10 -10.86 -9.38 0.92
C GLN B 10 -10.94 -9.45 2.43
N GLU A 4 8.38 0.91 10.26
CA GLU A 4 9.00 1.73 9.20
C GLU A 4 9.38 0.87 8.01
N LEU A 5 9.08 1.35 6.82
CA LEU A 5 9.31 0.62 5.59
C LEU A 5 10.65 1.01 5.01
N PRO A 6 11.09 0.29 3.96
CA PRO A 6 12.13 0.80 3.08
C PRO A 6 11.58 1.96 2.26
N GLU A 7 12.44 2.90 1.94
CA GLU A 7 11.99 4.18 1.40
C GLU A 7 11.44 4.03 -0.02
N GLY A 8 10.16 4.33 -0.14
CA GLY A 8 9.47 4.21 -1.41
C GLY A 8 8.01 3.84 -1.23
N TYR A 9 7.66 3.34 -0.06
CA TYR A 9 6.28 2.93 0.23
C TYR A 9 5.53 4.06 0.91
N GLU A 10 4.34 4.35 0.43
CA GLU A 10 3.48 5.29 1.13
C GLU A 10 2.34 4.54 1.80
N GLN A 11 1.95 5.00 2.98
CA GLN A 11 0.91 4.35 3.73
C GLN A 11 -0.43 4.95 3.35
N ARG A 12 -1.31 4.13 2.82
CA ARG A 12 -2.63 4.58 2.42
C ARG A 12 -3.72 3.78 3.09
N THR A 13 -4.74 4.49 3.54
CA THR A 13 -5.87 3.89 4.21
C THR A 13 -7.15 4.40 3.56
N THR A 14 -8.01 3.49 3.14
CA THR A 14 -9.28 3.84 2.56
C THR A 14 -10.37 3.86 3.62
N VAL A 15 -11.38 4.71 3.42
CA VAL A 15 -12.54 4.78 4.31
C VAL A 15 -13.18 3.40 4.46
N GLN A 16 -12.89 2.55 3.48
CA GLN A 16 -13.24 1.14 3.51
C GLN A 16 -12.83 0.49 4.85
N GLY A 17 -11.75 0.98 5.44
CA GLY A 17 -11.29 0.46 6.70
C GLY A 17 -10.16 -0.53 6.55
N GLN A 18 -9.49 -0.50 5.42
CA GLN A 18 -8.37 -1.40 5.17
C GLN A 18 -7.15 -0.59 4.73
N VAL A 19 -5.97 -1.08 5.09
CA VAL A 19 -4.74 -0.43 4.69
C VAL A 19 -4.07 -1.20 3.56
N TYR A 20 -3.60 -0.47 2.55
CA TYR A 20 -2.90 -1.10 1.44
C TYR A 20 -1.64 -0.30 1.12
N PHE A 21 -0.50 -1.00 1.09
CA PHE A 21 0.79 -0.34 0.98
C PHE A 21 1.20 -0.18 -0.46
N LEU A 22 1.25 1.06 -0.90
CA LEU A 22 1.57 1.37 -2.28
C LEU A 22 2.95 1.96 -2.46
N HIS A 23 3.61 1.39 -3.45
CA HIS A 23 4.97 1.74 -3.82
C HIS A 23 5.09 1.62 -5.31
N THR A 24 5.10 2.70 -6.04
CA THR A 24 5.27 2.52 -7.46
C THR A 24 6.71 2.77 -7.87
N GLN A 25 7.47 1.70 -7.79
CA GLN A 25 8.61 1.44 -8.65
C GLN A 25 8.15 0.44 -9.68
N THR A 26 7.56 -0.64 -9.15
CA THR A 26 7.10 -1.77 -9.91
C THR A 26 5.63 -2.01 -9.71
N GLY A 27 5.04 -0.95 -9.35
CA GLY A 27 3.63 -0.91 -8.99
C GLY A 27 3.26 -1.88 -7.88
N VAL A 28 3.63 -1.57 -6.64
CA VAL A 28 3.23 -2.41 -5.51
C VAL A 28 1.93 -1.94 -4.91
N SER A 29 0.96 -2.84 -4.94
CA SER A 29 -0.30 -2.67 -4.24
C SER A 29 -0.61 -3.94 -3.47
N THR A 30 -0.49 -3.86 -2.15
CA THR A 30 -0.51 -5.07 -1.35
C THR A 30 -1.09 -4.86 0.04
N TRP A 31 -1.71 -5.92 0.57
CA TRP A 31 -2.24 -5.92 1.92
C TRP A 31 -1.15 -5.93 2.98
N HIS A 32 -0.01 -6.52 2.64
CA HIS A 32 1.03 -6.77 3.65
C HIS A 32 2.00 -5.60 3.74
N ASP A 33 2.33 -5.22 4.96
CA ASP A 33 3.44 -4.29 5.18
C ASP A 33 4.68 -4.90 4.56
N PRO A 34 5.31 -4.20 3.61
CA PRO A 34 6.42 -4.75 2.84
C PRO A 34 7.69 -4.93 3.65
N ARG A 35 7.72 -4.30 4.81
CA ARG A 35 8.82 -4.51 5.72
C ARG A 35 8.61 -5.82 6.44
N ILE A 36 7.42 -6.36 6.25
CA ILE A 36 7.06 -7.65 6.82
C ILE A 36 6.47 -8.58 5.75
N THR B 1 -1.35 8.40 0.07
CA THR B 1 -1.73 9.73 -0.46
C THR B 1 -2.00 9.70 -1.96
N SER B 2 -1.24 8.91 -2.71
CA SER B 2 -1.39 8.84 -4.16
C SER B 2 -1.32 7.39 -4.64
N ASP B 4 -2.78 4.49 -7.82
CA ASP B 4 -3.44 4.18 -9.09
C ASP B 4 -4.32 2.89 -9.02
N PRO B 5 -4.21 2.02 -7.98
CA PRO B 5 -4.85 0.72 -7.96
C PRO B 5 -6.19 0.76 -7.23
N GLY B 6 -7.03 -0.23 -7.48
CA GLY B 6 -8.25 -0.31 -6.72
C GLY B 6 -8.05 -1.13 -5.47
N PRO B 8 -8.75 -3.96 -2.62
CA PRO B 8 -9.15 -5.36 -2.69
C PRO B 8 -10.14 -5.74 -1.59
N PHE B 9 -10.99 -6.72 -1.89
CA PHE B 9 -11.92 -7.25 -0.92
C PHE B 9 -11.48 -8.67 -0.54
N GLN B 10 -10.34 -9.06 -1.08
CA GLN B 10 -9.82 -10.41 -0.90
C GLN B 10 -8.37 -10.35 -0.44
N GLU A 4 10.22 0.39 11.00
CA GLU A 4 9.85 1.33 9.91
C GLU A 4 9.89 0.63 8.57
N LEU A 5 9.35 1.27 7.55
CA LEU A 5 9.36 0.70 6.22
C LEU A 5 10.49 1.33 5.42
N PRO A 6 10.95 0.66 4.37
CA PRO A 6 11.92 1.24 3.44
C PRO A 6 11.28 2.37 2.64
N GLU A 7 12.05 3.40 2.34
CA GLU A 7 11.49 4.60 1.73
C GLU A 7 11.03 4.36 0.31
N GLY A 8 9.77 4.67 0.08
CA GLY A 8 9.16 4.44 -1.22
C GLY A 8 7.73 3.98 -1.09
N TYR A 9 7.38 3.47 0.08
CA TYR A 9 6.02 3.03 0.34
C TYR A 9 5.20 4.17 0.93
N GLU A 10 4.07 4.46 0.32
CA GLU A 10 3.14 5.41 0.88
C GLU A 10 2.04 4.65 1.61
N GLN A 11 1.79 5.04 2.86
CA GLN A 11 0.84 4.32 3.69
C GLN A 11 -0.55 4.91 3.49
N ARG A 12 -1.36 4.20 2.74
CA ARG A 12 -2.67 4.66 2.37
C ARG A 12 -3.75 3.95 3.16
N THR A 13 -4.75 4.70 3.58
CA THR A 13 -5.80 4.21 4.44
C THR A 13 -7.17 4.59 3.88
N THR A 14 -7.90 3.61 3.38
CA THR A 14 -9.22 3.84 2.82
C THR A 14 -10.30 3.59 3.87
N VAL A 15 -11.42 4.32 3.74
CA VAL A 15 -12.58 4.18 4.64
C VAL A 15 -13.03 2.74 4.75
N GLN A 16 -12.61 1.97 3.77
CA GLN A 16 -12.77 0.52 3.75
C GLN A 16 -12.33 -0.12 5.07
N GLY A 17 -11.46 0.57 5.80
CA GLY A 17 -10.99 0.08 7.09
C GLY A 17 -9.72 -0.73 6.94
N GLN A 18 -9.14 -0.68 5.75
CA GLN A 18 -7.97 -1.48 5.44
C GLN A 18 -6.89 -0.60 4.83
N VAL A 19 -5.65 -0.85 5.21
CA VAL A 19 -4.54 -0.09 4.68
C VAL A 19 -3.82 -0.88 3.60
N TYR A 20 -3.72 -0.29 2.41
CA TYR A 20 -2.99 -0.93 1.34
C TYR A 20 -1.68 -0.20 1.07
N PHE A 21 -0.59 -0.95 1.06
CA PHE A 21 0.76 -0.39 0.99
C PHE A 21 1.20 -0.24 -0.44
N LEU A 22 1.23 1.00 -0.90
CA LEU A 22 1.57 1.29 -2.28
C LEU A 22 2.95 1.90 -2.44
N HIS A 23 3.63 1.34 -3.41
CA HIS A 23 4.98 1.72 -3.78
C HIS A 23 5.09 1.62 -5.27
N THR A 24 5.05 2.73 -5.98
CA THR A 24 5.18 2.57 -7.40
C THR A 24 6.58 2.92 -7.85
N GLN A 25 7.43 1.92 -7.82
CA GLN A 25 8.52 1.72 -8.74
C GLN A 25 8.07 0.68 -9.74
N THR A 26 7.51 -0.41 -9.17
CA THR A 26 7.10 -1.57 -9.94
C THR A 26 5.65 -1.90 -9.67
N GLY A 27 5.00 -0.87 -9.30
CA GLY A 27 3.60 -0.90 -8.92
C GLY A 27 3.29 -1.91 -7.82
N VAL A 28 3.66 -1.62 -6.59
CA VAL A 28 3.30 -2.48 -5.46
C VAL A 28 1.98 -2.06 -4.86
N SER A 29 1.05 -2.99 -4.89
CA SER A 29 -0.25 -2.82 -4.26
C SER A 29 -0.62 -4.07 -3.50
N THR A 30 -0.52 -4.01 -2.19
CA THR A 30 -0.63 -5.21 -1.39
C THR A 30 -1.21 -4.95 0.00
N TRP A 31 -1.89 -5.97 0.54
CA TRP A 31 -2.40 -5.94 1.90
C TRP A 31 -1.26 -5.99 2.91
N HIS A 32 -0.16 -6.66 2.55
CA HIS A 32 0.89 -6.94 3.51
C HIS A 32 1.87 -5.79 3.61
N ASP A 33 2.26 -5.46 4.83
CA ASP A 33 3.33 -4.51 5.09
C ASP A 33 4.59 -5.02 4.40
N PRO A 34 5.22 -4.22 3.54
CA PRO A 34 6.38 -4.65 2.76
C PRO A 34 7.61 -4.90 3.58
N ARG A 35 7.60 -4.43 4.80
CA ARG A 35 8.68 -4.69 5.71
C ARG A 35 8.47 -6.06 6.31
N ILE A 36 7.32 -6.61 6.00
CA ILE A 36 6.96 -7.97 6.41
C ILE A 36 6.44 -8.78 5.21
N THR B 1 -1.18 11.05 -0.85
CA THR B 1 -0.81 9.79 -1.51
C THR B 1 -1.51 9.68 -2.85
N SER B 2 -0.85 9.04 -3.81
CA SER B 2 -1.39 8.92 -5.15
C SER B 2 -1.38 7.46 -5.59
N ASP B 4 -2.60 4.37 -8.04
CA ASP B 4 -3.11 3.94 -9.33
C ASP B 4 -4.00 2.66 -9.26
N PRO B 5 -3.93 1.82 -8.19
CA PRO B 5 -4.61 0.55 -8.14
C PRO B 5 -5.94 0.64 -7.40
N GLY B 6 -6.82 -0.31 -7.63
CA GLY B 6 -8.06 -0.33 -6.90
C GLY B 6 -7.91 -1.13 -5.63
N PRO B 8 -8.84 -3.84 -2.69
CA PRO B 8 -9.35 -5.21 -2.69
C PRO B 8 -10.36 -5.48 -1.57
N PHE B 9 -11.31 -6.37 -1.86
CA PHE B 9 -12.28 -6.82 -0.87
C PHE B 9 -11.93 -8.24 -0.42
N GLN B 10 -10.92 -8.80 -1.06
CA GLN B 10 -10.49 -10.16 -0.78
C GLN B 10 -9.14 -10.16 -0.08
N GLU A 4 9.40 0.46 10.51
CA GLU A 4 8.92 1.26 9.37
C GLU A 4 9.33 0.61 8.06
N LEU A 5 8.92 1.20 6.95
CA LEU A 5 9.16 0.60 5.64
C LEU A 5 10.48 1.08 5.06
N PRO A 6 10.94 0.40 4.01
CA PRO A 6 11.96 0.95 3.12
C PRO A 6 11.37 2.10 2.31
N GLU A 7 12.24 2.95 1.81
CA GLU A 7 11.80 4.18 1.16
C GLU A 7 11.10 3.90 -0.15
N GLY A 8 9.88 4.40 -0.24
CA GLY A 8 9.10 4.26 -1.45
C GLY A 8 7.67 3.82 -1.19
N TYR A 9 7.39 3.33 0.01
CA TYR A 9 6.05 2.85 0.34
C TYR A 9 5.26 3.92 1.07
N GLU A 10 4.05 4.17 0.62
CA GLU A 10 3.13 5.02 1.35
C GLU A 10 2.00 4.17 1.93
N GLN A 11 1.60 4.48 3.15
CA GLN A 11 0.46 3.81 3.74
C GLN A 11 -0.79 4.59 3.39
N ARG A 12 -1.86 3.87 3.17
CA ARG A 12 -3.09 4.46 2.70
C ARG A 12 -4.28 3.86 3.38
N THR A 13 -5.14 4.73 3.87
CA THR A 13 -6.36 4.34 4.56
C THR A 13 -7.57 4.77 3.75
N THR A 14 -8.29 3.80 3.23
CA THR A 14 -9.51 4.07 2.51
C THR A 14 -10.69 4.05 3.46
N VAL A 15 -11.73 4.83 3.16
CA VAL A 15 -12.96 4.84 3.96
C VAL A 15 -13.48 3.42 4.16
N GLN A 16 -13.11 2.55 3.22
CA GLN A 16 -13.32 1.11 3.30
C GLN A 16 -12.88 0.55 4.66
N GLY A 17 -11.78 1.06 5.19
CA GLY A 17 -11.31 0.63 6.50
C GLY A 17 -10.07 -0.25 6.43
N GLN A 18 -9.51 -0.43 5.24
CA GLN A 18 -8.38 -1.32 5.06
C GLN A 18 -7.12 -0.55 4.69
N VAL A 19 -6.00 -0.93 5.29
CA VAL A 19 -4.71 -0.32 4.97
C VAL A 19 -4.02 -1.09 3.85
N TYR A 20 -3.72 -0.40 2.75
CA TYR A 20 -3.01 -1.02 1.65
C TYR A 20 -1.70 -0.28 1.36
N PHE A 21 -0.61 -1.04 1.27
CA PHE A 21 0.73 -0.46 1.11
C PHE A 21 1.08 -0.28 -0.33
N LEU A 22 1.14 0.97 -0.76
CA LEU A 22 1.46 1.27 -2.14
C LEU A 22 2.83 1.88 -2.34
N HIS A 23 3.50 1.32 -3.32
CA HIS A 23 4.85 1.71 -3.72
C HIS A 23 4.90 1.65 -5.22
N THR A 24 4.82 2.76 -5.91
CA THR A 24 4.93 2.62 -7.34
C THR A 24 6.33 2.96 -7.81
N GLN A 25 7.15 1.94 -7.78
CA GLN A 25 8.26 1.76 -8.68
C GLN A 25 7.82 0.77 -9.73
N THR A 26 7.29 -0.34 -9.21
CA THR A 26 6.84 -1.45 -10.01
C THR A 26 5.40 -1.78 -9.73
N GLY A 27 4.77 -0.76 -9.29
CA GLY A 27 3.39 -0.78 -8.86
C GLY A 27 3.11 -1.84 -7.79
N VAL A 28 3.52 -1.57 -6.56
CA VAL A 28 3.17 -2.46 -5.44
C VAL A 28 1.87 -2.06 -4.80
N SER A 29 0.90 -2.95 -4.87
CA SER A 29 -0.36 -2.80 -4.15
C SER A 29 -0.61 -4.07 -3.36
N THR A 30 -0.49 -3.97 -2.05
CA THR A 30 -0.48 -5.17 -1.22
C THR A 30 -1.04 -4.91 0.18
N TRP A 31 -1.63 -5.95 0.76
CA TRP A 31 -2.12 -5.90 2.13
C TRP A 31 -0.96 -6.01 3.12
N HIS A 32 0.12 -6.64 2.69
CA HIS A 32 1.20 -6.95 3.61
C HIS A 32 2.22 -5.83 3.67
N ASP A 33 2.58 -5.45 4.89
CA ASP A 33 3.70 -4.55 5.11
C ASP A 33 4.93 -5.11 4.41
N PRO A 34 5.54 -4.36 3.49
CA PRO A 34 6.66 -4.87 2.70
C PRO A 34 7.95 -5.03 3.47
N ARG A 35 8.00 -4.46 4.65
CA ARG A 35 9.14 -4.63 5.52
C ARG A 35 9.02 -5.95 6.23
N ILE A 36 7.87 -6.57 6.04
CA ILE A 36 7.59 -7.88 6.63
C ILE A 36 8.47 -8.94 5.98
N THR B 1 1.19 9.90 -1.52
CA THR B 1 -0.27 9.92 -1.22
C THR B 1 -1.07 9.76 -2.51
N SER B 2 -0.58 8.93 -3.42
CA SER B 2 -1.21 8.77 -4.72
C SER B 2 -1.27 7.28 -5.11
N ASP B 4 -2.55 4.45 -7.77
CA ASP B 4 -3.04 4.08 -9.09
C ASP B 4 -3.92 2.81 -9.10
N PRO B 5 -3.91 1.93 -8.05
CA PRO B 5 -4.68 0.70 -8.04
C PRO B 5 -6.00 0.85 -7.30
N GLY B 6 -6.92 -0.05 -7.55
CA GLY B 6 -8.14 -0.06 -6.79
C GLY B 6 -7.97 -0.93 -5.56
N PRO B 8 -8.56 -3.74 -2.68
CA PRO B 8 -8.93 -5.16 -2.73
C PRO B 8 -9.87 -5.57 -1.60
N PHE B 9 -10.56 -6.68 -1.79
CA PHE B 9 -11.44 -7.22 -0.76
C PHE B 9 -10.89 -8.53 -0.22
N GLN B 10 -9.77 -8.96 -0.80
CA GLN B 10 -9.15 -10.22 -0.46
C GLN B 10 -7.63 -10.08 -0.50
N GLU A 4 7.19 1.80 10.30
CA GLU A 4 8.26 2.30 9.42
C GLU A 4 8.49 1.34 8.26
N LEU A 5 8.56 1.87 7.04
CA LEU A 5 8.80 1.06 5.85
C LEU A 5 10.07 1.53 5.15
N PRO A 6 10.51 0.81 4.12
CA PRO A 6 11.51 1.33 3.19
C PRO A 6 10.94 2.45 2.35
N GLU A 7 11.83 3.26 1.80
CA GLU A 7 11.45 4.48 1.11
C GLU A 7 10.74 4.17 -0.20
N GLY A 8 9.52 4.68 -0.35
CA GLY A 8 8.78 4.47 -1.57
C GLY A 8 7.38 3.95 -1.32
N TYR A 9 7.13 3.47 -0.11
CA TYR A 9 5.80 2.97 0.23
C TYR A 9 4.98 4.06 0.89
N GLU A 10 3.76 4.23 0.42
CA GLU A 10 2.80 5.06 1.12
C GLU A 10 1.91 4.16 1.97
N GLN A 11 1.73 4.51 3.23
CA GLN A 11 0.87 3.73 4.09
C GLN A 11 -0.53 4.28 3.99
N ARG A 12 -1.34 3.62 3.18
CA ARG A 12 -2.63 4.14 2.80
C ARG A 12 -3.76 3.40 3.48
N THR A 13 -4.52 4.16 4.26
CA THR A 13 -5.65 3.63 4.98
C THR A 13 -6.92 4.25 4.45
N THR A 14 -7.74 3.46 3.80
CA THR A 14 -8.99 3.94 3.25
C THR A 14 -10.10 3.76 4.28
N VAL A 15 -11.10 4.65 4.24
CA VAL A 15 -12.25 4.60 5.16
C VAL A 15 -12.89 3.22 5.19
N GLN A 16 -12.63 2.47 4.14
CA GLN A 16 -12.96 1.05 4.03
C GLN A 16 -12.56 0.30 5.31
N GLY A 17 -11.43 0.67 5.89
CA GLY A 17 -10.99 0.05 7.13
C GLY A 17 -9.74 -0.80 6.95
N GLN A 18 -9.35 -1.01 5.71
CA GLN A 18 -8.21 -1.85 5.41
C GLN A 18 -7.06 -1.03 4.84
N VAL A 19 -5.85 -1.40 5.20
CA VAL A 19 -4.67 -0.68 4.74
C VAL A 19 -4.03 -1.40 3.54
N TYR A 20 -3.67 -0.62 2.52
CA TYR A 20 -2.99 -1.17 1.37
C TYR A 20 -1.69 -0.40 1.12
N PHE A 21 -0.58 -1.12 1.06
CA PHE A 21 0.73 -0.51 0.94
C PHE A 21 1.12 -0.33 -0.49
N LEU A 22 1.16 0.92 -0.93
CA LEU A 22 1.50 1.23 -2.31
C LEU A 22 2.88 1.82 -2.47
N HIS A 23 3.59 1.23 -3.41
CA HIS A 23 4.93 1.61 -3.78
C HIS A 23 5.05 1.49 -5.27
N THR A 24 4.82 2.55 -6.02
CA THR A 24 4.97 2.37 -7.43
C THR A 24 6.37 2.75 -7.86
N GLN A 25 7.23 1.75 -7.77
CA GLN A 25 8.39 1.59 -8.62
C GLN A 25 8.02 0.56 -9.66
N THR A 26 7.55 -0.56 -9.11
CA THR A 26 7.16 -1.72 -9.88
C THR A 26 5.69 -2.02 -9.68
N GLY A 27 5.05 -0.99 -9.34
CA GLY A 27 3.64 -0.99 -9.00
C GLY A 27 3.28 -1.98 -7.89
N VAL A 28 3.65 -1.68 -6.65
CA VAL A 28 3.26 -2.53 -5.52
C VAL A 28 1.94 -2.10 -4.92
N SER A 29 0.97 -2.98 -5.03
CA SER A 29 -0.31 -2.81 -4.35
C SER A 29 -0.63 -4.08 -3.57
N THR A 30 -0.53 -3.99 -2.27
CA THR A 30 -0.61 -5.19 -1.45
C THR A 30 -1.18 -4.93 -0.06
N TRP A 31 -1.84 -5.94 0.50
CA TRP A 31 -2.37 -5.87 1.85
C TRP A 31 -1.25 -6.01 2.89
N HIS A 32 -0.17 -6.66 2.52
CA HIS A 32 0.86 -7.02 3.48
C HIS A 32 1.87 -5.89 3.65
N ASP A 33 2.31 -5.70 4.88
CA ASP A 33 3.38 -4.75 5.17
C ASP A 33 4.67 -5.23 4.53
N PRO A 34 5.38 -4.36 3.80
CA PRO A 34 6.58 -4.73 3.06
C PRO A 34 7.83 -4.76 3.92
N ARG A 35 7.74 -4.17 5.08
CA ARG A 35 8.84 -4.14 6.01
C ARG A 35 8.86 -5.45 6.77
N ILE A 36 7.86 -6.23 6.48
CA ILE A 36 7.69 -7.55 7.11
C ILE A 36 8.77 -8.52 6.62
N THR B 1 2.04 8.60 -2.87
CA THR B 1 0.97 9.41 -2.25
C THR B 1 -0.30 9.33 -3.09
N SER B 2 -0.14 9.11 -4.38
CA SER B 2 -1.26 8.89 -5.28
C SER B 2 -1.36 7.42 -5.63
N ASP B 4 -2.51 4.60 -7.84
CA ASP B 4 -2.98 4.22 -9.17
C ASP B 4 -3.93 3.00 -9.16
N PRO B 5 -3.88 2.10 -8.15
CA PRO B 5 -4.70 0.91 -8.14
C PRO B 5 -5.97 1.08 -7.31
N GLY B 6 -6.94 0.23 -7.57
CA GLY B 6 -8.17 0.23 -6.81
C GLY B 6 -8.05 -0.67 -5.61
N PRO B 8 -8.81 -3.59 -2.89
CA PRO B 8 -9.22 -4.99 -3.04
C PRO B 8 -10.24 -5.44 -2.01
N PHE B 9 -11.09 -6.37 -2.42
CA PHE B 9 -12.10 -6.95 -1.54
C PHE B 9 -11.69 -8.37 -1.17
N GLN B 10 -10.47 -8.73 -1.55
CA GLN B 10 -9.95 -10.07 -1.31
C GLN B 10 -8.46 -9.98 -1.01
N GLU A 4 6.81 -1.15 9.69
CA GLU A 4 7.50 0.12 9.31
C GLU A 4 8.18 -0.06 7.97
N LEU A 5 7.92 0.86 7.05
CA LEU A 5 8.32 0.65 5.66
C LEU A 5 9.65 1.32 5.38
N PRO A 6 10.38 0.75 4.43
CA PRO A 6 11.52 1.41 3.82
C PRO A 6 11.05 2.57 2.96
N GLU A 7 11.94 3.50 2.70
CA GLU A 7 11.57 4.73 2.02
C GLU A 7 11.21 4.43 0.55
N GLY A 8 9.96 4.70 0.21
CA GLY A 8 9.47 4.40 -1.12
C GLY A 8 8.07 3.80 -1.11
N TYR A 9 7.51 3.60 0.08
CA TYR A 9 6.15 3.09 0.22
C TYR A 9 5.27 4.13 0.89
N GLU A 10 4.06 4.31 0.39
CA GLU A 10 3.08 5.14 1.05
C GLU A 10 1.99 4.28 1.67
N GLN A 11 1.63 4.56 2.91
CA GLN A 11 0.59 3.81 3.57
C GLN A 11 -0.74 4.46 3.32
N ARG A 12 -1.46 3.93 2.36
CA ARG A 12 -2.73 4.51 1.96
C ARG A 12 -3.88 3.82 2.66
N THR A 13 -4.62 4.59 3.44
CA THR A 13 -5.75 4.08 4.17
C THR A 13 -7.05 4.50 3.48
N THR A 14 -8.07 3.68 3.63
CA THR A 14 -9.36 3.89 3.00
C THR A 14 -10.47 3.63 3.99
N VAL A 15 -11.60 4.31 3.82
CA VAL A 15 -12.80 4.13 4.66
C VAL A 15 -13.19 2.65 4.75
N GLN A 16 -12.67 1.87 3.82
CA GLN A 16 -12.78 0.41 3.82
C GLN A 16 -12.27 -0.18 5.16
N GLY A 17 -11.46 0.61 5.87
CA GLY A 17 -10.97 0.19 7.18
C GLY A 17 -9.65 -0.55 7.10
N GLN A 18 -9.12 -0.66 5.90
CA GLN A 18 -7.89 -1.42 5.68
C GLN A 18 -6.86 -0.55 4.97
N VAL A 19 -5.62 -0.60 5.43
CA VAL A 19 -4.54 0.12 4.79
C VAL A 19 -3.89 -0.74 3.72
N TYR A 20 -3.58 -0.12 2.58
CA TYR A 20 -2.90 -0.82 1.51
C TYR A 20 -1.60 -0.11 1.14
N PHE A 21 -0.51 -0.88 1.08
CA PHE A 21 0.83 -0.32 0.91
C PHE A 21 1.19 -0.16 -0.53
N LEU A 22 1.23 1.08 -1.00
CA LEU A 22 1.55 1.34 -2.39
C LEU A 22 2.92 1.94 -2.58
N HIS A 23 3.60 1.33 -3.53
CA HIS A 23 4.96 1.68 -3.92
C HIS A 23 5.03 1.58 -5.41
N THR A 24 4.94 2.68 -6.12
CA THR A 24 5.08 2.50 -7.53
C THR A 24 6.41 3.05 -8.04
N GLN A 25 7.37 2.17 -7.97
CA GLN A 25 8.41 2.00 -8.94
C GLN A 25 8.04 0.81 -9.79
N THR A 26 7.68 -0.27 -9.08
CA THR A 26 7.40 -1.57 -9.66
C THR A 26 5.98 -2.00 -9.41
N GLY A 27 5.23 -1.00 -9.23
CA GLY A 27 3.80 -1.09 -8.92
C GLY A 27 3.45 -2.06 -7.80
N VAL A 28 3.75 -1.69 -6.55
CA VAL A 28 3.35 -2.49 -5.40
C VAL A 28 2.01 -2.04 -4.85
N SER A 29 1.03 -2.93 -4.93
CA SER A 29 -0.24 -2.77 -4.22
C SER A 29 -0.50 -4.02 -3.40
N THR A 30 -0.41 -3.88 -2.09
CA THR A 30 -0.39 -5.06 -1.23
C THR A 30 -0.99 -4.81 0.15
N TRP A 31 -1.56 -5.87 0.73
CA TRP A 31 -2.10 -5.82 2.07
C TRP A 31 -1.00 -5.84 3.12
N HIS A 32 0.12 -6.47 2.80
CA HIS A 32 1.15 -6.72 3.81
C HIS A 32 2.19 -5.61 3.81
N ASP A 33 2.63 -5.24 5.02
CA ASP A 33 3.75 -4.31 5.17
C ASP A 33 4.92 -4.82 4.34
N PRO A 34 5.47 -3.97 3.47
CA PRO A 34 6.51 -4.38 2.52
C PRO A 34 7.85 -4.67 3.19
N ARG A 35 7.98 -4.25 4.42
CA ARG A 35 9.15 -4.55 5.21
C ARG A 35 9.04 -5.97 5.73
N ILE A 36 7.86 -6.53 5.53
CA ILE A 36 7.56 -7.89 5.99
C ILE A 36 8.13 -8.91 5.01
N THR B 1 1.41 9.81 -2.16
CA THR B 1 0.00 9.89 -1.74
C THR B 1 -0.91 9.71 -2.96
N SER B 2 -0.45 8.92 -3.92
CA SER B 2 -1.16 8.74 -5.17
C SER B 2 -1.19 7.27 -5.56
N ASP B 4 -2.48 4.19 -8.04
CA ASP B 4 -3.03 3.73 -9.32
C ASP B 4 -4.12 2.64 -9.15
N PRO B 5 -4.06 1.79 -8.09
CA PRO B 5 -4.86 0.58 -8.00
C PRO B 5 -6.13 0.76 -7.21
N GLY B 6 -7.08 -0.12 -7.42
CA GLY B 6 -8.29 -0.12 -6.62
C GLY B 6 -8.09 -0.97 -5.39
N PRO B 8 -8.77 -3.70 -2.36
CA PRO B 8 -9.15 -5.11 -2.42
C PRO B 8 -10.23 -5.48 -1.39
N PHE B 9 -11.19 -6.26 -1.85
CA PHE B 9 -12.31 -6.70 -1.03
C PHE B 9 -12.03 -8.11 -0.51
N GLN B 10 -10.88 -8.65 -0.87
CA GLN B 10 -10.46 -9.96 -0.41
C GLN B 10 -10.00 -9.89 1.04
N GLU A 4 7.05 2.34 10.19
CA GLU A 4 8.16 2.71 9.29
C GLU A 4 8.42 1.60 8.28
N LEU A 5 8.43 1.96 7.00
CA LEU A 5 8.71 0.99 5.94
C LEU A 5 10.01 1.39 5.25
N PRO A 6 10.49 0.61 4.26
CA PRO A 6 11.58 1.05 3.41
C PRO A 6 11.13 2.18 2.50
N GLU A 7 12.10 2.92 1.99
CA GLU A 7 11.82 4.14 1.26
C GLU A 7 11.16 3.85 -0.09
N GLY A 8 9.96 4.38 -0.26
CA GLY A 8 9.24 4.21 -1.52
C GLY A 8 7.77 3.85 -1.32
N TYR A 9 7.46 3.22 -0.20
CA TYR A 9 6.09 2.80 0.09
C TYR A 9 5.35 3.87 0.86
N GLU A 10 4.11 4.15 0.49
CA GLU A 10 3.25 4.95 1.32
C GLU A 10 2.15 4.07 1.91
N GLN A 11 1.80 4.32 3.16
CA GLN A 11 0.75 3.56 3.81
C GLN A 11 -0.58 4.26 3.58
N ARG A 12 -1.32 3.75 2.61
CA ARG A 12 -2.57 4.37 2.24
C ARG A 12 -3.73 3.76 2.98
N THR A 13 -4.55 4.60 3.57
CA THR A 13 -5.68 4.17 4.36
C THR A 13 -6.98 4.70 3.77
N THR A 14 -7.77 3.79 3.23
CA THR A 14 -9.07 4.17 2.69
C THR A 14 -10.13 4.05 3.78
N VAL A 15 -11.17 4.88 3.69
CA VAL A 15 -12.27 4.88 4.67
C VAL A 15 -12.88 3.49 4.80
N GLN A 16 -12.61 2.66 3.80
CA GLN A 16 -12.92 1.24 3.81
C GLN A 16 -12.44 0.57 5.11
N GLY A 17 -11.37 1.10 5.68
CA GLY A 17 -10.85 0.59 6.93
C GLY A 17 -9.52 -0.10 6.75
N GLN A 18 -9.24 -0.56 5.54
CA GLN A 18 -8.02 -1.30 5.25
C GLN A 18 -6.90 -0.36 4.83
N VAL A 19 -5.68 -0.75 5.16
CA VAL A 19 -4.50 -0.04 4.72
C VAL A 19 -3.81 -0.83 3.62
N TYR A 20 -3.62 -0.21 2.45
CA TYR A 20 -2.94 -0.89 1.36
C TYR A 20 -1.60 -0.21 1.06
N PHE A 21 -0.54 -1.01 1.01
CA PHE A 21 0.82 -0.49 0.89
C PHE A 21 1.22 -0.36 -0.56
N LEU A 22 1.35 0.88 -1.01
CA LEU A 22 1.70 1.15 -2.39
C LEU A 22 3.09 1.72 -2.57
N HIS A 23 3.75 1.14 -3.55
CA HIS A 23 5.09 1.51 -3.96
C HIS A 23 5.20 1.31 -5.43
N THR A 24 5.14 2.34 -6.22
CA THR A 24 5.29 2.07 -7.63
C THR A 24 6.68 2.46 -8.11
N GLN A 25 7.56 1.48 -7.99
CA GLN A 25 8.66 1.27 -8.90
C GLN A 25 8.24 0.14 -9.82
N THR A 26 7.79 -0.94 -9.17
CA THR A 26 7.37 -2.14 -9.83
C THR A 26 5.91 -2.42 -9.58
N GLY A 27 5.27 -1.35 -9.38
CA GLY A 27 3.83 -1.30 -9.08
C GLY A 27 3.42 -2.20 -7.93
N VAL A 28 3.77 -1.84 -6.71
CA VAL A 28 3.36 -2.62 -5.54
C VAL A 28 2.03 -2.15 -4.98
N SER A 29 1.06 -3.02 -5.07
CA SER A 29 -0.24 -2.83 -4.42
C SER A 29 -0.56 -4.06 -3.60
N THR A 30 -0.32 -3.97 -2.29
CA THR A 30 -0.35 -5.17 -1.44
C THR A 30 -0.98 -4.92 -0.07
N TRP A 31 -1.59 -5.97 0.47
CA TRP A 31 -2.11 -5.96 1.84
C TRP A 31 -0.99 -5.94 2.87
N HIS A 32 0.03 -6.76 2.62
CA HIS A 32 1.09 -6.98 3.61
C HIS A 32 2.05 -5.81 3.67
N ASP A 33 2.45 -5.46 4.90
CA ASP A 33 3.55 -4.53 5.12
C ASP A 33 4.77 -5.03 4.35
N PRO A 34 5.38 -4.19 3.52
CA PRO A 34 6.51 -4.62 2.71
C PRO A 34 7.78 -4.78 3.52
N ARG A 35 7.76 -4.24 4.71
CA ARG A 35 8.86 -4.38 5.63
C ARG A 35 8.75 -5.72 6.32
N ILE A 36 7.65 -6.37 6.04
CA ILE A 36 7.39 -7.71 6.58
C ILE A 36 8.41 -8.70 6.02
N THR B 1 -0.29 9.74 -0.10
CA THR B 1 -1.74 9.49 -0.03
C THR B 1 -2.37 9.43 -1.42
N SER B 2 -1.55 9.17 -2.43
CA SER B 2 -2.02 9.14 -3.81
C SER B 2 -1.73 7.79 -4.44
N ASP B 4 -2.95 4.70 -7.56
CA ASP B 4 -3.58 4.45 -8.85
C ASP B 4 -4.32 3.08 -8.91
N PRO B 5 -4.07 2.11 -7.99
CA PRO B 5 -4.73 0.81 -8.05
C PRO B 5 -6.01 0.80 -7.24
N GLY B 6 -6.87 -0.16 -7.52
CA GLY B 6 -8.13 -0.25 -6.82
C GLY B 6 -7.96 -1.12 -5.60
N PRO B 8 -8.62 -3.98 -2.69
CA PRO B 8 -8.94 -5.41 -2.75
C PRO B 8 -10.02 -5.84 -1.76
N PHE B 9 -11.02 -6.51 -2.30
CA PHE B 9 -12.12 -7.04 -1.50
C PHE B 9 -11.85 -8.48 -1.11
N GLN B 10 -10.66 -8.96 -1.46
CA GLN B 10 -10.25 -10.31 -1.14
C GLN B 10 -9.16 -10.27 -0.06
N GLU A 4 8.50 1.95 10.44
CA GLU A 4 9.31 2.43 9.30
C GLU A 4 9.47 1.35 8.26
N LEU A 5 9.12 1.68 7.03
CA LEU A 5 9.22 0.74 5.93
C LEU A 5 10.47 1.06 5.12
N PRO A 6 10.75 0.30 4.04
CA PRO A 6 11.76 0.70 3.08
C PRO A 6 11.30 1.90 2.29
N GLU A 7 12.23 2.57 1.67
CA GLU A 7 11.98 3.84 1.02
C GLU A 7 11.11 3.66 -0.23
N GLY A 8 9.99 4.38 -0.25
CA GLY A 8 9.12 4.37 -1.42
C GLY A 8 7.70 3.95 -1.12
N TYR A 9 7.46 3.39 0.06
CA TYR A 9 6.12 2.95 0.42
C TYR A 9 5.39 4.03 1.20
N GLU A 10 4.16 4.32 0.82
CA GLU A 10 3.30 5.17 1.61
C GLU A 10 2.24 4.31 2.29
N GLN A 11 1.93 4.63 3.53
CA GLN A 11 0.93 3.88 4.27
C GLN A 11 -0.42 4.52 4.02
N ARG A 12 -1.19 3.89 3.16
CA ARG A 12 -2.47 4.43 2.76
C ARG A 12 -3.61 3.61 3.33
N THR A 13 -4.69 4.30 3.65
CA THR A 13 -5.86 3.70 4.25
C THR A 13 -7.13 4.25 3.58
N THR A 14 -7.95 3.35 3.09
CA THR A 14 -9.20 3.73 2.43
C THR A 14 -10.33 3.80 3.45
N VAL A 15 -11.30 4.68 3.19
CA VAL A 15 -12.47 4.82 4.07
C VAL A 15 -13.12 3.46 4.33
N GLN A 16 -12.89 2.54 3.41
CA GLN A 16 -13.28 1.13 3.55
C GLN A 16 -12.78 0.54 4.87
N GLY A 17 -11.61 1.01 5.32
CA GLY A 17 -11.03 0.49 6.54
C GLY A 17 -9.85 -0.44 6.26
N GLN A 18 -9.38 -0.45 5.03
CA GLN A 18 -8.25 -1.30 4.66
C GLN A 18 -6.99 -0.47 4.65
N VAL A 19 -5.90 -1.04 5.09
CA VAL A 19 -4.61 -0.41 4.90
C VAL A 19 -3.85 -1.10 3.77
N TYR A 20 -3.77 -0.44 2.62
CA TYR A 20 -3.05 -1.00 1.49
C TYR A 20 -1.75 -0.23 1.24
N PHE A 21 -0.65 -0.97 1.19
CA PHE A 21 0.69 -0.38 1.13
C PHE A 21 1.10 -0.16 -0.30
N LEU A 22 1.13 1.10 -0.69
CA LEU A 22 1.41 1.46 -2.06
C LEU A 22 2.78 2.09 -2.24
N HIS A 23 3.43 1.57 -3.25
CA HIS A 23 4.78 1.96 -3.64
C HIS A 23 4.86 1.91 -5.13
N THR A 24 4.85 3.03 -5.81
CA THR A 24 4.97 2.90 -7.23
C THR A 24 6.37 3.28 -7.70
N GLN A 25 7.21 2.26 -7.68
CA GLN A 25 8.31 2.10 -8.60
C GLN A 25 7.87 1.09 -9.64
N THR A 26 7.34 -0.02 -9.10
CA THR A 26 6.89 -1.15 -9.88
C THR A 26 5.46 -1.50 -9.56
N GLY A 27 4.81 -0.48 -9.16
CA GLY A 27 3.41 -0.52 -8.76
C GLY A 27 3.09 -1.58 -7.70
N VAL A 28 3.49 -1.35 -6.46
CA VAL A 28 3.12 -2.24 -5.36
C VAL A 28 1.81 -1.82 -4.72
N SER A 29 0.86 -2.73 -4.76
CA SER A 29 -0.39 -2.59 -4.00
C SER A 29 -0.65 -3.89 -3.25
N THR A 30 -0.57 -3.82 -1.94
CA THR A 30 -0.55 -5.04 -1.14
C THR A 30 -1.28 -4.90 0.19
N TRP A 31 -1.82 -6.02 0.65
CA TRP A 31 -2.40 -6.12 1.98
C TRP A 31 -1.31 -6.15 3.04
N HIS A 32 -0.21 -6.81 2.70
CA HIS A 32 0.85 -7.07 3.67
C HIS A 32 1.82 -5.90 3.75
N ASP A 33 2.28 -5.61 4.95
CA ASP A 33 3.34 -4.65 5.15
C ASP A 33 4.57 -5.10 4.37
N PRO A 34 5.19 -4.21 3.59
CA PRO A 34 6.28 -4.57 2.71
C PRO A 34 7.61 -4.77 3.42
N ARG A 35 7.67 -4.32 4.64
CA ARG A 35 8.84 -4.52 5.46
C ARG A 35 8.78 -5.91 6.04
N ILE A 36 7.65 -6.54 5.81
CA ILE A 36 7.42 -7.91 6.26
C ILE A 36 8.21 -8.88 5.41
N THR B 1 0.25 9.74 -1.04
CA THR B 1 -0.90 10.30 -1.77
C THR B 1 -0.88 9.89 -3.24
N SER B 2 -0.11 8.85 -3.57
CA SER B 2 -0.02 8.40 -4.95
C SER B 2 -0.38 6.91 -5.05
N ASP B 4 -2.44 4.11 -7.83
CA ASP B 4 -3.12 3.80 -9.08
C ASP B 4 -4.22 2.70 -8.94
N PRO B 5 -4.28 1.92 -7.82
CA PRO B 5 -4.99 0.66 -7.75
C PRO B 5 -6.35 0.75 -7.05
N GLY B 6 -7.19 -0.23 -7.32
CA GLY B 6 -8.40 -0.38 -6.56
C GLY B 6 -8.15 -1.25 -5.36
N PRO B 8 -8.79 -4.27 -2.55
CA PRO B 8 -9.19 -5.68 -2.64
C PRO B 8 -10.25 -6.07 -1.61
N PHE B 9 -11.22 -6.87 -2.05
CA PHE B 9 -12.24 -7.43 -1.17
C PHE B 9 -11.82 -8.81 -0.71
N GLN B 10 -10.58 -9.17 -1.01
CA GLN B 10 -10.05 -10.47 -0.65
C GLN B 10 -9.34 -10.42 0.71
N GLU A 4 6.64 -0.52 9.89
CA GLU A 4 7.42 0.62 9.37
C GLU A 4 8.08 0.23 8.06
N LEU A 5 7.83 1.02 7.03
CA LEU A 5 8.20 0.63 5.67
C LEU A 5 9.57 1.17 5.31
N PRO A 6 10.23 0.48 4.37
CA PRO A 6 11.39 1.02 3.67
C PRO A 6 11.00 2.15 2.74
N GLU A 7 12.00 2.85 2.28
CA GLU A 7 11.79 4.05 1.48
C GLU A 7 11.22 3.71 0.11
N GLY A 8 10.00 4.16 -0.12
CA GLY A 8 9.34 3.93 -1.39
C GLY A 8 7.86 3.66 -1.25
N TYR A 9 7.43 3.28 -0.05
CA TYR A 9 6.02 2.93 0.18
C TYR A 9 5.27 4.07 0.85
N GLU A 10 4.11 4.41 0.32
CA GLU A 10 3.22 5.32 1.00
C GLU A 10 2.10 4.53 1.66
N GLN A 11 1.74 4.93 2.86
CA GLN A 11 0.68 4.25 3.61
C GLN A 11 -0.65 4.90 3.29
N ARG A 12 -1.50 4.19 2.56
CA ARG A 12 -2.79 4.71 2.19
C ARG A 12 -3.93 3.96 2.90
N THR A 13 -4.81 4.73 3.52
CA THR A 13 -5.94 4.18 4.24
C THR A 13 -7.24 4.57 3.54
N THR A 14 -8.04 3.58 3.23
CA THR A 14 -9.31 3.81 2.57
C THR A 14 -10.48 3.58 3.53
N VAL A 15 -11.58 4.29 3.30
CA VAL A 15 -12.81 4.13 4.08
C VAL A 15 -13.24 2.68 4.21
N GLN A 16 -12.72 1.86 3.30
CA GLN A 16 -12.85 0.40 3.35
C GLN A 16 -12.44 -0.16 4.73
N GLY A 17 -11.63 0.60 5.45
CA GLY A 17 -11.20 0.18 6.78
C GLY A 17 -9.91 -0.62 6.73
N GLN A 18 -9.26 -0.58 5.58
CA GLN A 18 -8.03 -1.34 5.38
C GLN A 18 -6.96 -0.43 4.80
N VAL A 19 -5.71 -0.72 5.12
CA VAL A 19 -4.59 0.04 4.59
C VAL A 19 -3.91 -0.74 3.48
N TYR A 20 -3.53 -0.06 2.41
CA TYR A 20 -2.83 -0.72 1.32
C TYR A 20 -1.51 -0.01 1.03
N PHE A 21 -0.44 -0.80 1.01
CA PHE A 21 0.92 -0.27 0.91
C PHE A 21 1.35 -0.14 -0.52
N LEU A 22 1.46 1.10 -0.96
CA LEU A 22 1.78 1.37 -2.35
C LEU A 22 3.16 1.94 -2.56
N HIS A 23 3.81 1.34 -3.53
CA HIS A 23 5.14 1.70 -3.96
C HIS A 23 5.18 1.60 -5.46
N THR A 24 5.00 2.70 -6.16
CA THR A 24 5.02 2.55 -7.58
C THR A 24 6.43 2.72 -8.13
N GLN A 25 7.11 1.60 -8.15
CA GLN A 25 8.18 1.31 -9.08
C GLN A 25 7.64 0.42 -10.17
N THR A 26 6.89 -0.58 -9.72
CA THR A 26 6.49 -1.71 -10.53
C THR A 26 5.12 -2.15 -10.11
N GLY A 27 4.48 -1.16 -9.60
CA GLY A 27 3.18 -1.32 -9.02
C GLY A 27 3.14 -2.28 -7.85
N VAL A 28 3.65 -1.87 -6.68
CA VAL A 28 3.32 -2.63 -5.47
C VAL A 28 2.06 -2.12 -4.84
N SER A 29 1.09 -3.00 -4.82
CA SER A 29 -0.17 -2.79 -4.12
C SER A 29 -0.45 -4.00 -3.24
N THR A 30 -0.28 -3.81 -1.95
CA THR A 30 -0.26 -4.95 -1.03
C THR A 30 -0.95 -4.65 0.30
N TRP A 31 -1.52 -5.69 0.90
CA TRP A 31 -2.05 -5.61 2.26
C TRP A 31 -0.92 -5.67 3.27
N HIS A 32 0.08 -6.48 2.95
CA HIS A 32 1.17 -6.77 3.87
C HIS A 32 2.19 -5.64 3.89
N ASP A 33 2.69 -5.33 5.08
CA ASP A 33 3.82 -4.43 5.21
C ASP A 33 5.00 -5.02 4.44
N PRO A 34 5.59 -4.29 3.51
CA PRO A 34 6.69 -4.78 2.70
C PRO A 34 7.97 -4.96 3.49
N ARG A 35 8.01 -4.37 4.66
CA ARG A 35 9.12 -4.58 5.58
C ARG A 35 9.00 -5.95 6.20
N ILE A 36 7.86 -6.56 5.97
CA ILE A 36 7.58 -7.92 6.46
C ILE A 36 8.36 -8.93 5.61
N THR B 1 -0.63 8.94 0.07
CA THR B 1 -0.56 10.22 -0.64
C THR B 1 -1.39 10.18 -1.93
N SER B 2 -0.92 9.44 -2.92
CA SER B 2 -1.59 9.35 -4.21
C SER B 2 -1.36 7.99 -4.84
N ASP B 4 -2.57 4.71 -7.62
CA ASP B 4 -3.12 4.41 -8.94
C ASP B 4 -3.94 3.08 -9.00
N PRO B 5 -3.85 2.15 -8.00
CA PRO B 5 -4.50 0.85 -8.06
C PRO B 5 -5.84 0.87 -7.32
N GLY B 6 -6.69 -0.09 -7.63
CA GLY B 6 -7.95 -0.20 -6.93
C GLY B 6 -7.80 -1.07 -5.71
N PRO B 8 -8.47 -3.87 -2.73
CA PRO B 8 -8.81 -5.29 -2.73
C PRO B 8 -9.85 -5.66 -1.67
N PHE B 9 -10.62 -6.70 -1.95
CA PHE B 9 -11.67 -7.15 -1.06
C PHE B 9 -11.34 -8.55 -0.54
N GLN B 10 -10.25 -8.65 0.21
CA GLN B 10 -9.79 -9.94 0.72
C GLN B 10 -9.61 -9.89 2.22
N GLU A 4 8.43 0.04 10.57
CA GLU A 4 8.89 1.17 9.73
C GLU A 4 9.25 0.65 8.35
N LEU A 5 8.78 1.31 7.32
CA LEU A 5 8.95 0.82 5.96
C LEU A 5 10.25 1.33 5.35
N PRO A 6 10.77 0.61 4.36
CA PRO A 6 11.84 1.12 3.51
C PRO A 6 11.30 2.22 2.62
N GLU A 7 12.18 3.09 2.17
CA GLU A 7 11.77 4.30 1.47
C GLU A 7 11.20 3.97 0.09
N GLY A 8 9.93 4.30 -0.08
CA GLY A 8 9.25 4.07 -1.34
C GLY A 8 7.78 3.73 -1.18
N TYR A 9 7.36 3.42 0.05
CA TYR A 9 5.98 3.01 0.30
C TYR A 9 5.20 4.14 0.96
N GLU A 10 3.96 4.32 0.52
CA GLU A 10 3.06 5.22 1.21
C GLU A 10 2.01 4.41 1.97
N GLN A 11 1.72 4.83 3.19
CA GLN A 11 0.71 4.16 3.99
C GLN A 11 -0.63 4.79 3.71
N ARG A 12 -1.45 4.08 2.94
CA ARG A 12 -2.72 4.62 2.51
C ARG A 12 -3.88 3.94 3.21
N THR A 13 -4.78 4.74 3.74
CA THR A 13 -5.97 4.25 4.39
C THR A 13 -7.22 4.69 3.62
N THR A 14 -8.05 3.72 3.27
CA THR A 14 -9.31 3.98 2.59
C THR A 14 -10.47 3.78 3.55
N VAL A 15 -11.56 4.51 3.31
CA VAL A 15 -12.80 4.37 4.09
C VAL A 15 -13.19 2.88 4.27
N GLN A 16 -12.70 2.05 3.37
CA GLN A 16 -12.84 0.59 3.45
C GLN A 16 -12.39 0.06 4.82
N GLY A 17 -11.55 0.84 5.51
CA GLY A 17 -11.11 0.46 6.84
C GLY A 17 -9.78 -0.24 6.83
N GLN A 18 -9.35 -0.66 5.65
CA GLN A 18 -8.13 -1.42 5.51
C GLN A 18 -7.02 -0.57 4.90
N VAL A 19 -5.81 -0.77 5.38
CA VAL A 19 -4.65 -0.08 4.83
C VAL A 19 -4.01 -0.91 3.72
N TYR A 20 -3.62 -0.26 2.63
CA TYR A 20 -2.95 -0.95 1.54
C TYR A 20 -1.66 -0.22 1.19
N PHE A 21 -0.56 -0.98 1.15
CA PHE A 21 0.77 -0.39 0.99
C PHE A 21 1.15 -0.28 -0.45
N LEU A 22 1.25 0.96 -0.92
CA LEU A 22 1.62 1.22 -2.29
C LEU A 22 3.01 1.79 -2.45
N HIS A 23 3.70 1.20 -3.41
CA HIS A 23 5.04 1.58 -3.81
C HIS A 23 5.09 1.47 -5.31
N THR A 24 4.93 2.55 -6.03
CA THR A 24 5.00 2.38 -7.45
C THR A 24 6.37 2.73 -7.97
N GLN A 25 7.21 1.71 -7.95
CA GLN A 25 8.27 1.51 -8.91
C GLN A 25 7.78 0.47 -9.89
N THR A 26 7.35 -0.64 -9.29
CA THR A 26 6.92 -1.82 -9.99
C THR A 26 5.49 -2.14 -9.68
N GLY A 27 4.83 -1.09 -9.38
CA GLY A 27 3.44 -1.11 -8.95
C GLY A 27 3.16 -2.08 -7.81
N VAL A 28 3.58 -1.73 -6.59
CA VAL A 28 3.25 -2.57 -5.44
C VAL A 28 1.94 -2.16 -4.82
N SER A 29 0.98 -3.04 -4.98
CA SER A 29 -0.33 -2.88 -4.36
C SER A 29 -0.63 -4.13 -3.54
N THR A 30 -0.46 -4.01 -2.22
CA THR A 30 -0.51 -5.18 -1.37
C THR A 30 -1.03 -4.86 0.04
N TRP A 31 -1.66 -5.84 0.66
CA TRP A 31 -2.11 -5.72 2.05
C TRP A 31 -0.92 -5.80 3.01
N HIS A 32 0.04 -6.66 2.68
CA HIS A 32 1.13 -6.97 3.61
C HIS A 32 2.14 -5.84 3.69
N ASP A 33 2.54 -5.54 4.92
CA ASP A 33 3.64 -4.61 5.16
C ASP A 33 4.89 -5.11 4.44
N PRO A 34 5.50 -4.30 3.58
CA PRO A 34 6.66 -4.72 2.80
C PRO A 34 7.93 -4.84 3.60
N ARG A 35 7.93 -4.28 4.79
CA ARG A 35 9.06 -4.42 5.68
C ARG A 35 9.03 -5.80 6.29
N ILE A 36 7.92 -6.48 6.04
CA ILE A 36 7.74 -7.85 6.51
C ILE A 36 8.61 -8.79 5.67
N THR B 1 1.27 9.63 -2.31
CA THR B 1 0.07 10.13 -1.62
C THR B 1 -1.20 9.84 -2.42
N SER B 2 -1.04 9.33 -3.63
CA SER B 2 -2.16 9.01 -4.49
C SER B 2 -2.00 7.61 -5.07
N ASP B 4 -2.93 4.60 -7.76
CA ASP B 4 -3.47 4.27 -9.06
C ASP B 4 -4.22 2.91 -9.08
N PRO B 5 -3.99 1.97 -8.11
CA PRO B 5 -4.66 0.69 -8.11
C PRO B 5 -5.94 0.73 -7.30
N GLY B 6 -6.83 -0.21 -7.54
CA GLY B 6 -8.07 -0.22 -6.80
C GLY B 6 -7.93 -1.02 -5.53
N PRO B 8 -8.67 -3.70 -2.55
CA PRO B 8 -9.04 -5.12 -2.60
C PRO B 8 -10.11 -5.52 -1.58
N PHE B 9 -11.04 -6.34 -2.04
CA PHE B 9 -12.03 -6.95 -1.18
C PHE B 9 -11.58 -8.37 -0.84
N GLN B 10 -10.37 -8.69 -1.25
CA GLN B 10 -9.80 -10.01 -1.06
C GLN B 10 -9.22 -10.14 0.34
N GLU A 4 8.00 1.31 10.37
CA GLU A 4 8.96 1.97 9.47
C GLU A 4 9.26 1.09 8.27
N LEU A 5 8.94 1.59 7.08
CA LEU A 5 9.15 0.83 5.85
C LEU A 5 10.41 1.30 5.15
N PRO A 6 10.85 0.59 4.11
CA PRO A 6 11.88 1.11 3.19
C PRO A 6 11.33 2.27 2.37
N GLU A 7 12.25 2.97 1.75
CA GLU A 7 11.92 4.19 1.02
C GLU A 7 11.12 3.88 -0.25
N GLY A 8 9.98 4.55 -0.37
CA GLY A 8 9.16 4.38 -1.56
C GLY A 8 7.75 3.90 -1.26
N TYR A 9 7.51 3.42 -0.05
CA TYR A 9 6.18 2.92 0.31
C TYR A 9 5.38 4.01 1.00
N GLU A 10 4.17 4.23 0.52
CA GLU A 10 3.26 5.13 1.18
C GLU A 10 2.15 4.31 1.85
N GLN A 11 1.82 4.66 3.08
CA GLN A 11 0.81 3.94 3.83
C GLN A 11 -0.53 4.57 3.55
N ARG A 12 -1.37 3.84 2.86
CA ARG A 12 -2.65 4.38 2.44
C ARG A 12 -3.81 3.79 3.22
N THR A 13 -4.60 4.69 3.77
CA THR A 13 -5.79 4.35 4.50
C THR A 13 -7.03 4.84 3.75
N THR A 14 -7.95 3.94 3.45
CA THR A 14 -9.20 4.32 2.83
C THR A 14 -10.33 4.20 3.84
N VAL A 15 -11.36 5.04 3.68
CA VAL A 15 -12.55 5.01 4.56
C VAL A 15 -13.17 3.62 4.57
N GLN A 16 -12.81 2.84 3.56
CA GLN A 16 -13.13 1.42 3.49
C GLN A 16 -12.82 0.72 4.81
N GLY A 17 -11.68 1.07 5.41
CA GLY A 17 -11.31 0.49 6.69
C GLY A 17 -10.04 -0.35 6.60
N GLN A 18 -9.55 -0.56 5.39
CA GLN A 18 -8.37 -1.38 5.17
C GLN A 18 -7.13 -0.52 4.87
N VAL A 19 -5.97 -1.03 5.26
CA VAL A 19 -4.70 -0.40 4.95
C VAL A 19 -4.01 -1.12 3.79
N TYR A 20 -3.68 -0.40 2.72
CA TYR A 20 -3.00 -1.03 1.61
C TYR A 20 -1.70 -0.30 1.26
N PHE A 21 -0.62 -1.06 1.16
CA PHE A 21 0.72 -0.52 0.95
C PHE A 21 1.05 -0.40 -0.52
N LEU A 22 1.15 0.84 -0.99
CA LEU A 22 1.54 1.10 -2.36
C LEU A 22 2.91 1.73 -2.48
N HIS A 23 3.64 1.18 -3.41
CA HIS A 23 4.99 1.60 -3.75
C HIS A 23 5.15 1.52 -5.23
N THR A 24 5.05 2.62 -5.94
CA THR A 24 5.23 2.46 -7.35
C THR A 24 6.62 2.93 -7.76
N GLN A 25 7.52 1.97 -7.69
CA GLN A 25 8.66 1.86 -8.56
C GLN A 25 8.33 0.80 -9.60
N THR A 26 7.80 -0.30 -9.08
CA THR A 26 7.44 -1.46 -9.87
C THR A 26 6.00 -1.83 -9.64
N GLY A 27 5.30 -0.82 -9.30
CA GLY A 27 3.89 -0.88 -8.98
C GLY A 27 3.53 -1.92 -7.93
N VAL A 28 3.87 -1.65 -6.67
CA VAL A 28 3.49 -2.54 -5.56
C VAL A 28 2.14 -2.17 -4.98
N SER A 29 1.19 -3.06 -5.16
CA SER A 29 -0.10 -2.97 -4.50
C SER A 29 -0.31 -4.23 -3.68
N THR A 30 -0.21 -4.11 -2.37
CA THR A 30 -0.18 -5.29 -1.51
C THR A 30 -0.94 -5.10 -0.19
N TRP A 31 -1.47 -6.22 0.32
CA TRP A 31 -2.08 -6.25 1.63
C TRP A 31 -1.01 -6.31 2.72
N HIS A 32 0.08 -7.00 2.41
CA HIS A 32 1.11 -7.25 3.40
C HIS A 32 2.06 -6.06 3.53
N ASP A 33 2.40 -5.74 4.76
CA ASP A 33 3.44 -4.75 5.02
C ASP A 33 4.74 -5.19 4.35
N PRO A 34 5.42 -4.29 3.64
CA PRO A 34 6.60 -4.64 2.86
C PRO A 34 7.87 -4.73 3.68
N ARG A 35 7.81 -4.21 4.88
CA ARG A 35 8.93 -4.27 5.79
C ARG A 35 8.89 -5.60 6.49
N ILE A 36 7.86 -6.33 6.17
CA ILE A 36 7.66 -7.68 6.70
C ILE A 36 8.68 -8.62 6.07
N THR B 1 -0.24 9.07 -0.75
CA THR B 1 -1.64 8.67 -0.51
C THR B 1 -2.42 8.61 -1.82
N SER B 2 -1.71 8.66 -2.94
CA SER B 2 -2.34 8.66 -4.25
C SER B 2 -2.07 7.33 -4.95
N ASP B 4 -2.64 4.35 -7.87
CA ASP B 4 -3.07 4.02 -9.21
C ASP B 4 -3.94 2.73 -9.26
N PRO B 5 -3.83 1.79 -8.27
CA PRO B 5 -4.59 0.56 -8.27
C PRO B 5 -5.86 0.68 -7.41
N GLY B 6 -6.81 -0.19 -7.64
CA GLY B 6 -8.03 -0.19 -6.85
C GLY B 6 -7.88 -1.06 -5.63
N PRO B 8 -8.73 -3.83 -2.66
CA PRO B 8 -9.24 -5.21 -2.64
C PRO B 8 -10.24 -5.47 -1.51
N PHE B 9 -11.36 -6.09 -1.87
CA PHE B 9 -12.32 -6.56 -0.89
C PHE B 9 -11.96 -7.96 -0.43
N GLN B 10 -10.91 -8.49 -1.02
CA GLN B 10 -10.46 -9.85 -0.74
C GLN B 10 -9.57 -9.89 0.50
N GLU A 4 7.18 1.29 10.20
CA GLU A 4 8.21 1.89 9.33
C GLU A 4 8.52 0.97 8.16
N LEU A 5 8.71 1.56 6.99
CA LEU A 5 8.98 0.80 5.77
C LEU A 5 10.29 1.26 5.16
N PRO A 6 10.76 0.56 4.12
CA PRO A 6 11.83 1.08 3.27
C PRO A 6 11.34 2.25 2.43
N GLU A 7 12.28 3.05 1.97
CA GLU A 7 11.96 4.30 1.28
C GLU A 7 11.33 4.03 -0.07
N GLY A 8 10.06 4.41 -0.20
CA GLY A 8 9.35 4.24 -1.46
C GLY A 8 7.89 3.88 -1.25
N TYR A 9 7.54 3.43 -0.05
CA TYR A 9 6.17 3.01 0.24
C TYR A 9 5.40 4.13 0.93
N GLU A 10 4.15 4.30 0.54
CA GLU A 10 3.26 5.21 1.24
C GLU A 10 2.21 4.42 1.98
N GLN A 11 1.83 4.90 3.14
CA GLN A 11 0.79 4.27 3.94
C GLN A 11 -0.57 4.84 3.54
N ARG A 12 -1.44 3.99 3.02
CA ARG A 12 -2.75 4.45 2.60
C ARG A 12 -3.87 3.66 3.26
N THR A 13 -4.87 4.38 3.71
CA THR A 13 -6.02 3.80 4.39
C THR A 13 -7.31 4.30 3.75
N THR A 14 -8.05 3.37 3.17
CA THR A 14 -9.30 3.71 2.50
C THR A 14 -10.46 3.63 3.49
N VAL A 15 -11.50 4.44 3.25
CA VAL A 15 -12.74 4.40 4.04
C VAL A 15 -13.31 2.97 4.07
N GLN A 16 -12.85 2.14 3.14
CA GLN A 16 -13.12 0.70 3.15
C GLN A 16 -12.72 0.07 4.49
N GLY A 17 -11.81 0.73 5.20
CA GLY A 17 -11.42 0.27 6.51
C GLY A 17 -10.21 -0.64 6.48
N GLN A 18 -9.49 -0.63 5.37
CA GLN A 18 -8.32 -1.48 5.21
C GLN A 18 -7.13 -0.67 4.71
N VAL A 19 -5.95 -1.05 5.14
CA VAL A 19 -4.73 -0.39 4.70
C VAL A 19 -4.09 -1.15 3.54
N TYR A 20 -3.55 -0.43 2.58
CA TYR A 20 -2.84 -1.06 1.47
C TYR A 20 -1.55 -0.30 1.17
N PHE A 21 -0.43 -1.02 1.13
CA PHE A 21 0.89 -0.41 1.03
C PHE A 21 1.29 -0.23 -0.41
N LEU A 22 1.36 1.02 -0.84
CA LEU A 22 1.66 1.32 -2.22
C LEU A 22 3.03 1.92 -2.43
N HIS A 23 3.66 1.40 -3.45
CA HIS A 23 5.01 1.76 -3.85
C HIS A 23 5.12 1.62 -5.34
N THR A 24 5.18 2.70 -6.08
CA THR A 24 5.31 2.50 -7.49
C THR A 24 6.74 2.75 -7.94
N GLN A 25 7.50 1.68 -7.86
CA GLN A 25 8.62 1.39 -8.73
C GLN A 25 8.15 0.37 -9.75
N THR A 26 7.50 -0.66 -9.19
CA THR A 26 7.02 -1.80 -9.94
C THR A 26 5.55 -2.02 -9.71
N GLY A 27 4.97 -0.94 -9.37
CA GLY A 27 3.58 -0.88 -8.99
C GLY A 27 3.22 -1.85 -7.87
N VAL A 28 3.61 -1.55 -6.64
CA VAL A 28 3.23 -2.39 -5.50
C VAL A 28 1.93 -1.95 -4.89
N SER A 29 0.98 -2.88 -4.91
CA SER A 29 -0.29 -2.71 -4.22
C SER A 29 -0.60 -3.99 -3.47
N THR A 30 -0.49 -3.94 -2.15
CA THR A 30 -0.50 -5.16 -1.36
C THR A 30 -1.07 -4.96 0.04
N TRP A 31 -1.67 -6.02 0.58
CA TRP A 31 -2.15 -6.03 1.95
C TRP A 31 -1.00 -6.11 2.94
N HIS A 32 0.10 -6.72 2.52
CA HIS A 32 1.17 -7.05 3.45
C HIS A 32 2.16 -5.89 3.58
N ASP A 33 2.51 -5.59 4.82
CA ASP A 33 3.57 -4.63 5.10
C ASP A 33 4.83 -5.01 4.33
N PRO A 34 5.40 -4.09 3.57
CA PRO A 34 6.52 -4.39 2.68
C PRO A 34 7.85 -4.52 3.40
N ARG A 35 7.90 -4.08 4.63
CA ARG A 35 9.09 -4.26 5.44
C ARG A 35 9.09 -5.68 5.98
N ILE A 36 7.96 -6.34 5.74
CA ILE A 36 7.79 -7.74 6.12
C ILE A 36 8.56 -8.64 5.17
N THR B 1 -0.85 8.83 -0.07
CA THR B 1 -0.38 10.01 -0.83
C THR B 1 -0.90 9.98 -2.27
N SER B 2 -0.37 9.09 -3.09
CA SER B 2 -0.76 9.00 -4.48
C SER B 2 -0.85 7.54 -4.93
N ASP B 4 -2.75 4.61 -7.60
CA ASP B 4 -3.50 4.35 -8.82
C ASP B 4 -4.38 3.06 -8.75
N PRO B 5 -4.18 2.14 -7.78
CA PRO B 5 -4.80 0.83 -7.81
C PRO B 5 -6.12 0.81 -7.04
N GLY B 6 -6.95 -0.17 -7.33
CA GLY B 6 -8.18 -0.31 -6.58
C GLY B 6 -7.94 -1.20 -5.37
N PRO B 8 -8.73 -4.18 -2.58
CA PRO B 8 -9.15 -5.57 -2.68
C PRO B 8 -10.23 -5.94 -1.67
N PHE B 9 -11.33 -6.49 -2.18
CA PHE B 9 -12.41 -6.99 -1.33
C PHE B 9 -12.12 -8.43 -0.95
N GLN B 10 -11.39 -8.62 0.14
CA GLN B 10 -10.98 -9.94 0.57
C GLN B 10 -11.09 -10.04 2.09
N GLU A 4 7.81 0.71 10.46
CA GLU A 4 8.41 1.63 9.48
C GLU A 4 8.82 0.86 8.23
N LEU A 5 8.55 1.42 7.07
CA LEU A 5 8.83 0.76 5.81
C LEU A 5 10.12 1.30 5.21
N PRO A 6 10.67 0.62 4.21
CA PRO A 6 11.77 1.17 3.40
C PRO A 6 11.25 2.30 2.53
N GLU A 7 12.18 3.13 2.07
CA GLU A 7 11.83 4.35 1.35
C GLU A 7 11.23 4.00 -0.02
N GLY A 8 10.00 4.41 -0.23
CA GLY A 8 9.31 4.13 -1.46
C GLY A 8 7.87 3.70 -1.25
N TYR A 9 7.55 3.29 -0.02
CA TYR A 9 6.20 2.86 0.30
C TYR A 9 5.47 3.94 1.07
N GLU A 10 4.24 4.23 0.65
CA GLU A 10 3.38 5.08 1.44
C GLU A 10 2.25 4.25 2.03
N GLN A 11 1.92 4.52 3.28
CA GLN A 11 0.87 3.77 3.97
C GLN A 11 -0.46 4.45 3.73
N ARG A 12 -1.26 3.85 2.86
CA ARG A 12 -2.53 4.43 2.47
C ARG A 12 -3.69 3.69 3.13
N THR A 13 -4.66 4.46 3.59
CA THR A 13 -5.84 3.93 4.24
C THR A 13 -7.10 4.48 3.60
N THR A 14 -7.89 3.61 3.01
CA THR A 14 -9.15 4.00 2.39
C THR A 14 -10.27 3.95 3.42
N VAL A 15 -11.28 4.79 3.23
CA VAL A 15 -12.46 4.83 4.10
C VAL A 15 -13.11 3.44 4.18
N GLN A 16 -12.76 2.60 3.23
CA GLN A 16 -13.12 1.18 3.20
C GLN A 16 -12.72 0.48 4.50
N GLY A 17 -11.73 1.02 5.19
CA GLY A 17 -11.32 0.47 6.48
C GLY A 17 -10.07 -0.38 6.38
N GLN A 18 -9.56 -0.55 5.18
CA GLN A 18 -8.37 -1.37 4.97
C GLN A 18 -7.18 -0.53 4.51
N VAL A 19 -6.01 -0.90 4.98
CA VAL A 19 -4.78 -0.23 4.59
C VAL A 19 -4.08 -1.02 3.48
N TYR A 20 -3.58 -0.32 2.48
CA TYR A 20 -2.85 -0.97 1.41
C TYR A 20 -1.52 -0.26 1.15
N PHE A 21 -0.45 -1.04 1.09
CA PHE A 21 0.90 -0.50 0.99
C PHE A 21 1.32 -0.30 -0.45
N LEU A 22 1.39 0.96 -0.85
CA LEU A 22 1.70 1.28 -2.23
C LEU A 22 3.08 1.88 -2.40
N HIS A 23 3.73 1.36 -3.42
CA HIS A 23 5.07 1.75 -3.84
C HIS A 23 5.10 1.72 -5.33
N THR A 24 5.09 2.86 -6.00
CA THR A 24 5.15 2.76 -7.42
C THR A 24 6.53 3.12 -7.93
N GLN A 25 7.36 2.10 -7.97
CA GLN A 25 8.39 1.93 -8.98
C GLN A 25 7.85 0.92 -9.98
N THR A 26 7.36 -0.18 -9.41
CA THR A 26 6.89 -1.32 -10.15
C THR A 26 5.48 -1.69 -9.76
N GLY A 27 4.81 -0.68 -9.40
CA GLY A 27 3.42 -0.75 -8.94
C GLY A 27 3.18 -1.81 -7.86
N VAL A 28 3.60 -1.52 -6.63
CA VAL A 28 3.24 -2.40 -5.50
C VAL A 28 1.94 -1.99 -4.88
N SER A 29 0.98 -2.89 -4.93
CA SER A 29 -0.29 -2.72 -4.23
C SER A 29 -0.63 -3.99 -3.49
N THR A 30 -0.50 -3.94 -2.17
CA THR A 30 -0.55 -5.18 -1.39
C THR A 30 -1.11 -4.98 0.01
N TRP A 31 -1.74 -6.04 0.52
CA TRP A 31 -2.22 -6.10 1.90
C TRP A 31 -1.07 -6.14 2.89
N HIS A 32 0.04 -6.76 2.50
CA HIS A 32 1.10 -7.08 3.44
C HIS A 32 2.08 -5.93 3.58
N ASP A 33 2.44 -5.63 4.82
CA ASP A 33 3.50 -4.68 5.11
C ASP A 33 4.77 -5.13 4.39
N PRO A 34 5.41 -4.25 3.64
CA PRO A 34 6.56 -4.64 2.82
C PRO A 34 7.83 -4.81 3.64
N ARG A 35 7.81 -4.30 4.84
CA ARG A 35 8.93 -4.46 5.74
C ARG A 35 8.86 -5.83 6.36
N ILE A 36 7.77 -6.51 6.07
CA ILE A 36 7.56 -7.87 6.56
C ILE A 36 8.52 -8.83 5.87
N THR B 1 0.78 10.15 -0.77
CA THR B 1 -0.66 9.84 -0.90
C THR B 1 -1.10 9.93 -2.36
N SER B 2 -0.69 8.94 -3.15
CA SER B 2 -1.02 8.90 -4.57
C SER B 2 -1.11 7.45 -5.03
N ASP B 4 -2.83 4.54 -7.87
CA ASP B 4 -3.52 4.17 -9.10
C ASP B 4 -4.36 2.87 -8.98
N PRO B 5 -4.19 2.01 -7.92
CA PRO B 5 -4.81 0.70 -7.88
C PRO B 5 -6.12 0.68 -7.10
N GLY B 6 -6.94 -0.32 -7.34
CA GLY B 6 -8.15 -0.46 -6.56
C GLY B 6 -7.91 -1.29 -5.32
N PRO B 8 -8.71 -4.18 -2.42
CA PRO B 8 -9.20 -5.57 -2.40
C PRO B 8 -10.22 -5.84 -1.29
N PHE B 9 -11.17 -6.71 -1.58
CA PHE B 9 -12.15 -7.15 -0.59
C PHE B 9 -11.71 -8.48 0.01
N GLN B 10 -10.59 -8.98 -0.47
CA GLN B 10 -10.13 -10.32 -0.13
C GLN B 10 -9.18 -10.27 1.06
N GLU A 4 7.51 2.98 9.94
CA GLU A 4 8.79 3.11 9.22
C GLU A 4 9.02 1.90 8.32
N LEU A 5 9.06 2.16 7.02
CA LEU A 5 9.19 1.11 6.02
C LEU A 5 10.47 1.34 5.22
N PRO A 6 10.79 0.47 4.24
CA PRO A 6 11.83 0.78 3.27
C PRO A 6 11.37 1.88 2.33
N GLU A 7 12.32 2.49 1.66
CA GLU A 7 12.06 3.68 0.88
C GLU A 7 11.23 3.36 -0.36
N GLY A 8 10.13 4.09 -0.50
CA GLY A 8 9.29 3.94 -1.68
C GLY A 8 7.84 3.65 -1.35
N TYR A 9 7.54 3.26 -0.12
CA TYR A 9 6.18 2.91 0.27
C TYR A 9 5.52 4.07 1.00
N GLU A 10 4.27 4.35 0.65
CA GLU A 10 3.45 5.25 1.45
C GLU A 10 2.44 4.42 2.22
N GLN A 11 2.10 4.87 3.42
CA GLN A 11 1.11 4.16 4.22
C GLN A 11 -0.25 4.73 3.88
N ARG A 12 -1.05 3.93 3.20
CA ARG A 12 -2.37 4.37 2.80
C ARG A 12 -3.44 3.51 3.43
N THR A 13 -4.52 4.17 3.82
CA THR A 13 -5.62 3.55 4.51
C THR A 13 -6.92 4.11 3.97
N THR A 14 -7.72 3.25 3.37
CA THR A 14 -8.99 3.67 2.81
C THR A 14 -10.09 3.58 3.84
N VAL A 15 -11.10 4.45 3.72
CA VAL A 15 -12.25 4.46 4.62
C VAL A 15 -12.87 3.07 4.77
N GLN A 16 -12.59 2.24 3.77
CA GLN A 16 -12.94 0.83 3.78
C GLN A 16 -12.49 0.14 5.08
N GLY A 17 -11.47 0.70 5.74
CA GLY A 17 -10.99 0.16 6.98
C GLY A 17 -9.75 -0.68 6.78
N GLN A 18 -9.50 -1.05 5.54
CA GLN A 18 -8.38 -1.92 5.20
C GLN A 18 -7.25 -1.08 4.64
N VAL A 19 -6.03 -1.36 5.07
CA VAL A 19 -4.86 -0.62 4.61
C VAL A 19 -4.26 -1.28 3.38
N TYR A 20 -3.76 -0.48 2.46
CA TYR A 20 -3.07 -1.01 1.30
C TYR A 20 -1.79 -0.21 1.05
N PHE A 21 -0.67 -0.93 1.03
CA PHE A 21 0.66 -0.31 0.97
C PHE A 21 1.09 -0.12 -0.46
N LEU A 22 1.14 1.14 -0.86
CA LEU A 22 1.45 1.46 -2.24
C LEU A 22 2.84 2.05 -2.44
N HIS A 23 3.49 1.49 -3.43
CA HIS A 23 4.84 1.82 -3.81
C HIS A 23 4.95 1.73 -5.31
N THR A 24 5.04 2.83 -6.01
CA THR A 24 5.17 2.67 -7.43
C THR A 24 6.59 2.87 -7.89
N GLN A 25 7.33 1.77 -7.84
CA GLN A 25 8.41 1.48 -8.76
C GLN A 25 7.85 0.50 -9.79
N THR A 26 7.29 -0.57 -9.22
CA THR A 26 6.79 -1.70 -9.96
C THR A 26 5.33 -1.94 -9.68
N GLY A 27 4.75 -0.87 -9.33
CA GLY A 27 3.35 -0.82 -8.92
C GLY A 27 3.03 -1.81 -7.80
N VAL A 28 3.41 -1.47 -6.58
CA VAL A 28 3.05 -2.29 -5.43
C VAL A 28 1.75 -1.84 -4.82
N SER A 29 0.77 -2.71 -4.92
CA SER A 29 -0.50 -2.56 -4.22
C SER A 29 -0.82 -3.83 -3.47
N THR A 30 -0.70 -3.78 -2.16
CA THR A 30 -0.75 -4.99 -1.38
C THR A 30 -1.32 -4.77 0.02
N TRP A 31 -1.96 -5.81 0.54
CA TRP A 31 -2.48 -5.81 1.90
C TRP A 31 -1.35 -5.88 2.92
N HIS A 32 -0.26 -6.54 2.57
CA HIS A 32 0.79 -6.83 3.54
C HIS A 32 1.79 -5.70 3.60
N ASP A 33 2.15 -5.32 4.81
CA ASP A 33 3.24 -4.39 5.03
C ASP A 33 4.51 -4.97 4.42
N PRO A 34 5.17 -4.26 3.53
CA PRO A 34 6.38 -4.76 2.86
C PRO A 34 7.55 -4.84 3.82
N ARG A 35 7.39 -4.18 4.94
CA ARG A 35 8.35 -4.27 6.03
C ARG A 35 8.16 -5.60 6.75
N ILE A 36 7.08 -6.26 6.40
CA ILE A 36 6.78 -7.59 6.93
C ILE A 36 6.56 -8.61 5.81
N THR B 1 -1.78 8.93 -0.86
CA THR B 1 -1.07 10.10 -1.43
C THR B 1 -0.96 9.96 -2.95
N SER B 2 -0.22 8.96 -3.40
CA SER B 2 -0.12 8.68 -4.81
C SER B 2 -0.35 7.20 -5.07
N ASP B 4 -2.38 4.37 -7.81
CA ASP B 4 -3.04 4.08 -9.08
C ASP B 4 -4.15 2.98 -8.98
N PRO B 5 -4.23 2.18 -7.88
CA PRO B 5 -5.02 0.95 -7.85
C PRO B 5 -6.35 1.08 -7.11
N GLY B 6 -7.25 0.15 -7.39
CA GLY B 6 -8.48 0.04 -6.65
C GLY B 6 -8.30 -0.86 -5.44
N PRO B 8 -8.91 -3.87 -2.76
CA PRO B 8 -9.27 -5.29 -2.90
C PRO B 8 -10.21 -5.77 -1.79
N PHE B 9 -10.89 -6.88 -2.05
CA PHE B 9 -11.68 -7.55 -1.03
C PHE B 9 -11.18 -8.97 -0.85
N GLN B 10 -10.15 -9.32 -1.60
CA GLN B 10 -9.56 -10.65 -1.55
C GLN B 10 -8.40 -10.69 -0.56
N GLU A 4 7.17 1.42 10.17
CA GLU A 4 8.29 1.93 9.34
C GLU A 4 8.49 1.04 8.12
N LEU A 5 8.55 1.66 6.94
CA LEU A 5 8.76 0.91 5.72
C LEU A 5 10.12 1.28 5.13
N PRO A 6 10.57 0.53 4.13
CA PRO A 6 11.68 0.94 3.28
C PRO A 6 11.24 2.09 2.38
N GLU A 7 12.21 2.74 1.81
CA GLU A 7 11.98 3.96 1.06
C GLU A 7 11.22 3.69 -0.23
N GLY A 8 10.17 4.46 -0.44
CA GLY A 8 9.36 4.32 -1.62
C GLY A 8 7.89 4.10 -1.31
N TYR A 9 7.59 3.39 -0.23
CA TYR A 9 6.21 3.05 0.09
C TYR A 9 5.54 4.19 0.84
N GLU A 10 4.24 4.31 0.65
CA GLU A 10 3.43 5.15 1.51
C GLU A 10 2.43 4.28 2.25
N GLN A 11 2.10 4.67 3.47
CA GLN A 11 1.13 3.92 4.25
C GLN A 11 -0.24 4.47 3.95
N ARG A 12 -0.98 3.75 3.12
CA ARG A 12 -2.25 4.24 2.65
C ARG A 12 -3.40 3.58 3.37
N THR A 13 -4.46 4.33 3.54
CA THR A 13 -5.64 3.88 4.26
C THR A 13 -6.88 4.35 3.51
N THR A 14 -7.68 3.40 3.06
CA THR A 14 -8.88 3.73 2.31
C THR A 14 -10.09 3.76 3.22
N VAL A 15 -11.09 4.59 2.87
CA VAL A 15 -12.32 4.73 3.65
C VAL A 15 -12.98 3.37 3.87
N GLN A 16 -12.64 2.42 3.00
CA GLN A 16 -13.05 1.03 3.12
C GLN A 16 -12.68 0.45 4.50
N GLY A 17 -11.69 1.05 5.15
CA GLY A 17 -11.27 0.61 6.46
C GLY A 17 -10.12 -0.36 6.39
N GLN A 18 -9.43 -0.39 5.26
CA GLN A 18 -8.31 -1.31 5.07
C GLN A 18 -7.08 -0.51 4.67
N VAL A 19 -5.91 -0.98 5.08
CA VAL A 19 -4.68 -0.33 4.69
C VAL A 19 -4.01 -1.12 3.56
N TYR A 20 -3.61 -0.42 2.50
CA TYR A 20 -2.86 -1.06 1.43
C TYR A 20 -1.57 -0.30 1.14
N PHE A 21 -0.46 -1.04 1.12
CA PHE A 21 0.88 -0.44 1.02
C PHE A 21 1.29 -0.29 -0.41
N LEU A 22 1.37 0.96 -0.84
CA LEU A 22 1.69 1.25 -2.23
C LEU A 22 3.05 1.87 -2.42
N HIS A 23 3.70 1.35 -3.42
CA HIS A 23 5.00 1.82 -3.89
C HIS A 23 5.03 1.67 -5.39
N THR A 24 4.83 2.73 -6.13
CA THR A 24 4.96 2.53 -7.54
C THR A 24 6.29 3.09 -8.04
N GLN A 25 7.27 2.21 -7.96
CA GLN A 25 8.36 2.14 -8.90
C GLN A 25 8.07 0.98 -9.86
N THR A 26 7.47 -0.08 -9.28
CA THR A 26 7.20 -1.32 -9.97
C THR A 26 5.83 -1.86 -9.62
N GLY A 27 5.01 -0.92 -9.36
CA GLY A 27 3.62 -1.16 -8.98
C GLY A 27 3.44 -2.11 -7.80
N VAL A 28 3.73 -1.63 -6.59
CA VAL A 28 3.40 -2.40 -5.39
C VAL A 28 2.05 -2.01 -4.84
N SER A 29 1.15 -2.97 -4.88
CA SER A 29 -0.17 -2.82 -4.26
C SER A 29 -0.50 -4.10 -3.50
N THR A 30 -0.38 -4.03 -2.19
CA THR A 30 -0.46 -5.23 -1.37
C THR A 30 -1.03 -4.97 0.02
N TRP A 31 -1.69 -5.98 0.59
CA TRP A 31 -2.14 -5.95 1.96
C TRP A 31 -0.96 -5.96 2.93
N HIS A 32 0.07 -6.72 2.58
CA HIS A 32 1.15 -7.00 3.52
C HIS A 32 2.11 -5.83 3.63
N ASP A 33 2.50 -5.52 4.87
CA ASP A 33 3.54 -4.54 5.11
C ASP A 33 4.81 -4.97 4.38
N PRO A 34 5.39 -4.09 3.58
CA PRO A 34 6.54 -4.44 2.74
C PRO A 34 7.83 -4.54 3.53
N ARG A 35 7.80 -4.03 4.74
CA ARG A 35 8.92 -4.15 5.65
C ARG A 35 8.93 -5.55 6.22
N ILE A 36 7.85 -6.26 5.93
CA ILE A 36 7.70 -7.65 6.33
C ILE A 36 8.53 -8.55 5.42
N THR B 1 0.29 10.15 -0.34
CA THR B 1 -1.07 9.57 -0.24
C THR B 1 -1.79 9.67 -1.58
N SER B 2 -1.24 9.01 -2.59
CA SER B 2 -1.83 8.99 -3.92
C SER B 2 -1.49 7.68 -4.61
N ASP B 4 -2.68 4.47 -7.67
CA ASP B 4 -3.34 4.16 -8.93
C ASP B 4 -4.20 2.88 -8.88
N PRO B 5 -3.99 1.93 -7.91
CA PRO B 5 -4.65 0.64 -7.93
C PRO B 5 -5.96 0.63 -7.15
N GLY B 6 -6.79 -0.34 -7.44
CA GLY B 6 -8.02 -0.50 -6.70
C GLY B 6 -7.80 -1.39 -5.50
N PRO B 8 -8.55 -4.35 -2.61
CA PRO B 8 -8.97 -5.75 -2.66
C PRO B 8 -10.11 -6.05 -1.69
N PHE B 9 -11.18 -6.62 -2.23
CA PHE B 9 -12.33 -6.99 -1.44
C PHE B 9 -12.27 -8.47 -1.08
N GLN B 10 -12.13 -8.74 0.20
CA GLN B 10 -12.01 -10.11 0.67
C GLN B 10 -12.75 -10.26 1.99
N GLU A 4 7.81 1.10 10.26
CA GLU A 4 8.90 1.76 9.50
C GLU A 4 9.21 0.95 8.25
N LEU A 5 8.97 1.53 7.09
CA LEU A 5 9.16 0.81 5.84
C LEU A 5 10.44 1.24 5.17
N PRO A 6 10.85 0.52 4.12
CA PRO A 6 11.91 0.99 3.22
C PRO A 6 11.41 2.17 2.39
N GLU A 7 12.34 2.96 1.90
CA GLU A 7 12.00 4.21 1.23
C GLU A 7 11.35 3.93 -0.12
N GLY A 8 10.13 4.43 -0.28
CA GLY A 8 9.39 4.21 -1.51
C GLY A 8 7.95 3.81 -1.27
N TYR A 9 7.61 3.42 -0.03
CA TYR A 9 6.25 3.01 0.28
C TYR A 9 5.47 4.14 0.93
N GLU A 10 4.29 4.42 0.41
CA GLU A 10 3.37 5.33 1.06
C GLU A 10 2.25 4.51 1.69
N GLN A 11 1.88 4.88 2.91
CA GLN A 11 0.87 4.16 3.65
C GLN A 11 -0.50 4.76 3.34
N ARG A 12 -1.40 3.95 2.78
CA ARG A 12 -2.74 4.44 2.48
C ARG A 12 -3.81 3.61 3.17
N THR A 13 -4.75 4.33 3.79
CA THR A 13 -5.88 3.72 4.46
C THR A 13 -7.16 4.23 3.82
N THR A 14 -7.98 3.32 3.33
CA THR A 14 -9.25 3.69 2.75
C THR A 14 -10.36 3.61 3.79
N VAL A 15 -11.39 4.45 3.63
CA VAL A 15 -12.56 4.44 4.51
C VAL A 15 -13.19 3.05 4.57
N GLN A 16 -12.86 2.26 3.57
CA GLN A 16 -13.17 0.83 3.52
C GLN A 16 -12.76 0.11 4.81
N GLY A 17 -11.79 0.68 5.52
CA GLY A 17 -11.34 0.11 6.77
C GLY A 17 -10.05 -0.68 6.61
N GLN A 18 -9.57 -0.75 5.37
CA GLN A 18 -8.40 -1.56 5.07
C GLN A 18 -7.21 -0.68 4.71
N VAL A 19 -6.04 -1.04 5.20
CA VAL A 19 -4.81 -0.35 4.83
C VAL A 19 -4.17 -1.06 3.65
N TYR A 20 -3.69 -0.31 2.67
CA TYR A 20 -2.98 -0.90 1.56
C TYR A 20 -1.67 -0.15 1.29
N PHE A 21 -0.57 -0.91 1.25
CA PHE A 21 0.77 -0.33 1.14
C PHE A 21 1.17 -0.19 -0.31
N LEU A 22 1.32 1.06 -0.73
CA LEU A 22 1.63 1.34 -2.12
C LEU A 22 3.01 1.91 -2.34
N HIS A 23 3.64 1.35 -3.34
CA HIS A 23 4.96 1.73 -3.79
C HIS A 23 4.97 1.65 -5.29
N THR A 24 4.91 2.76 -5.98
CA THR A 24 4.94 2.62 -7.41
C THR A 24 6.32 2.90 -7.97
N GLN A 25 7.10 1.84 -8.00
CA GLN A 25 8.11 1.59 -8.99
C GLN A 25 7.53 0.59 -9.97
N THR A 26 7.10 -0.51 -9.37
CA THR A 26 6.59 -1.66 -10.09
C THR A 26 5.16 -1.94 -9.70
N GLY A 27 4.56 -0.89 -9.32
CA GLY A 27 3.19 -0.89 -8.83
C GLY A 27 2.95 -1.89 -7.70
N VAL A 28 3.41 -1.58 -6.49
CA VAL A 28 3.11 -2.42 -5.33
C VAL A 28 1.84 -1.98 -4.67
N SER A 29 0.87 -2.85 -4.74
CA SER A 29 -0.38 -2.69 -4.02
C SER A 29 -0.63 -3.94 -3.20
N THR A 30 -0.47 -3.82 -1.90
CA THR A 30 -0.45 -5.00 -1.05
C THR A 30 -1.18 -4.81 0.27
N TRP A 31 -1.74 -5.91 0.77
CA TRP A 31 -2.32 -5.95 2.09
C TRP A 31 -1.23 -5.99 3.15
N HIS A 32 -0.17 -6.73 2.86
CA HIS A 32 0.90 -6.96 3.82
C HIS A 32 1.83 -5.75 3.90
N ASP A 33 2.30 -5.48 5.10
CA ASP A 33 3.34 -4.48 5.31
C ASP A 33 4.60 -4.91 4.56
N PRO A 34 5.20 -4.03 3.76
CA PRO A 34 6.33 -4.40 2.91
C PRO A 34 7.63 -4.60 3.67
N ARG A 35 7.65 -4.14 4.90
CA ARG A 35 8.80 -4.32 5.75
C ARG A 35 8.75 -5.72 6.34
N ILE A 36 7.65 -6.37 6.04
CA ILE A 36 7.41 -7.74 6.47
C ILE A 36 8.16 -8.72 5.57
N THR B 1 1.58 10.41 -1.64
CA THR B 1 0.19 9.93 -1.51
C THR B 1 -0.52 10.00 -2.86
N SER B 2 -0.35 8.96 -3.66
CA SER B 2 -0.98 8.87 -4.96
C SER B 2 -1.22 7.41 -5.32
N ASP B 4 -2.58 4.72 -7.63
CA ASP B 4 -3.04 4.32 -8.96
C ASP B 4 -3.89 3.02 -8.97
N PRO B 5 -3.87 2.15 -7.92
CA PRO B 5 -4.58 0.88 -7.92
C PRO B 5 -5.91 0.96 -7.20
N GLY B 6 -6.78 0.01 -7.49
CA GLY B 6 -8.01 -0.10 -6.76
C GLY B 6 -7.83 -1.00 -5.57
N PRO B 8 -8.57 -4.03 -2.84
CA PRO B 8 -8.99 -5.43 -2.94
C PRO B 8 -10.01 -5.80 -1.87
N PHE B 9 -10.84 -6.80 -2.17
CA PHE B 9 -11.90 -7.20 -1.26
C PHE B 9 -11.66 -8.62 -0.77
N GLN B 10 -10.60 -9.23 -1.26
CA GLN B 10 -10.24 -10.60 -0.90
C GLN B 10 -8.86 -10.63 -0.27
N GLU A 4 10.01 0.57 10.87
CA GLU A 4 9.98 1.50 9.72
C GLU A 4 10.22 0.75 8.42
N LEU A 5 9.55 1.17 7.36
CA LEU A 5 9.64 0.48 6.08
C LEU A 5 10.75 1.09 5.25
N PRO A 6 11.11 0.45 4.13
CA PRO A 6 12.02 1.04 3.15
C PRO A 6 11.36 2.21 2.43
N GLU A 7 12.18 3.13 1.95
CA GLU A 7 11.68 4.35 1.34
C GLU A 7 10.99 4.05 0.02
N GLY A 8 9.80 4.60 -0.16
CA GLY A 8 9.06 4.40 -1.39
C GLY A 8 7.65 3.88 -1.17
N TYR A 9 7.39 3.36 0.02
CA TYR A 9 6.06 2.85 0.35
C TYR A 9 5.24 3.91 1.05
N GLU A 10 4.00 4.06 0.64
CA GLU A 10 3.07 4.90 1.37
C GLU A 10 1.96 4.04 1.97
N GLN A 11 1.60 4.35 3.20
CA GLN A 11 0.52 3.65 3.87
C GLN A 11 -0.79 4.37 3.57
N ARG A 12 -1.62 3.76 2.74
CA ARG A 12 -2.86 4.38 2.34
C ARG A 12 -4.05 3.78 3.06
N THR A 13 -4.93 4.67 3.51
CA THR A 13 -6.16 4.30 4.19
C THR A 13 -7.36 4.77 3.38
N THR A 14 -8.13 3.82 2.90
CA THR A 14 -9.37 4.12 2.20
C THR A 14 -10.53 4.18 3.18
N VAL A 15 -11.53 5.01 2.87
CA VAL A 15 -12.76 5.07 3.68
C VAL A 15 -13.34 3.67 3.88
N GLN A 16 -12.98 2.77 2.95
CA GLN A 16 -13.28 1.35 3.05
C GLN A 16 -12.85 0.77 4.41
N GLY A 17 -11.80 1.34 4.99
CA GLY A 17 -11.35 0.91 6.30
C GLY A 17 -10.24 -0.13 6.25
N GLN A 18 -9.51 -0.17 5.14
CA GLN A 18 -8.42 -1.13 4.99
C GLN A 18 -7.13 -0.41 4.61
N VAL A 19 -6.02 -0.87 5.16
CA VAL A 19 -4.71 -0.32 4.82
C VAL A 19 -4.08 -1.11 3.68
N TYR A 20 -3.66 -0.42 2.64
CA TYR A 20 -2.96 -1.07 1.54
C TYR A 20 -1.66 -0.33 1.23
N PHE A 21 -0.57 -1.08 1.15
CA PHE A 21 0.75 -0.50 1.01
C PHE A 21 1.13 -0.32 -0.44
N LEU A 22 1.20 0.94 -0.86
CA LEU A 22 1.54 1.27 -2.22
C LEU A 22 2.92 1.84 -2.38
N HIS A 23 3.60 1.28 -3.36
CA HIS A 23 4.94 1.66 -3.74
C HIS A 23 5.05 1.57 -5.23
N THR A 24 4.87 2.65 -5.93
CA THR A 24 4.95 2.52 -7.36
C THR A 24 6.37 2.75 -7.82
N GLN A 25 7.10 1.65 -7.82
CA GLN A 25 8.24 1.41 -8.67
C GLN A 25 7.80 0.51 -9.81
N THR A 26 7.14 -0.55 -9.40
CA THR A 26 6.78 -1.66 -10.25
C THR A 26 5.36 -2.04 -9.97
N GLY A 27 4.74 -1.04 -9.48
CA GLY A 27 3.38 -1.11 -9.00
C GLY A 27 3.21 -2.11 -7.86
N VAL A 28 3.66 -1.74 -6.67
CA VAL A 28 3.30 -2.54 -5.49
C VAL A 28 2.02 -2.05 -4.88
N SER A 29 1.03 -2.94 -4.92
CA SER A 29 -0.25 -2.75 -4.27
C SER A 29 -0.59 -3.99 -3.48
N THR A 30 -0.44 -3.91 -2.17
CA THR A 30 -0.51 -5.12 -1.34
C THR A 30 -1.04 -4.85 0.06
N TRP A 31 -1.69 -5.85 0.63
CA TRP A 31 -2.15 -5.79 2.02
C TRP A 31 -0.98 -5.85 2.99
N HIS A 32 0.05 -6.61 2.63
CA HIS A 32 1.09 -6.96 3.57
C HIS A 32 2.11 -5.83 3.70
N ASP A 33 2.50 -5.56 4.94
CA ASP A 33 3.57 -4.61 5.22
C ASP A 33 4.82 -5.03 4.44
N PRO A 34 5.44 -4.10 3.73
CA PRO A 34 6.55 -4.44 2.83
C PRO A 34 7.86 -4.69 3.52
N ARG A 35 7.92 -4.31 4.76
CA ARG A 35 9.11 -4.54 5.55
C ARG A 35 9.03 -5.92 6.15
N ILE A 36 7.92 -6.53 5.86
CA ILE A 36 7.66 -7.92 6.27
C ILE A 36 8.44 -8.87 5.38
N THR B 1 -0.14 9.16 -0.03
CA THR B 1 -1.59 9.36 -0.21
C THR B 1 -1.96 9.44 -1.69
N SER B 2 -1.18 8.78 -2.52
CA SER B 2 -1.38 8.80 -3.97
C SER B 2 -1.34 7.39 -4.54
N ASP B 4 -2.81 4.68 -7.76
CA ASP B 4 -3.53 4.42 -9.01
C ASP B 4 -4.28 3.06 -9.02
N PRO B 5 -4.02 2.09 -8.08
CA PRO B 5 -4.61 0.77 -8.13
C PRO B 5 -5.92 0.74 -7.34
N GLY B 6 -6.75 -0.25 -7.61
CA GLY B 6 -8.00 -0.34 -6.88
C GLY B 6 -7.83 -1.15 -5.63
N PRO B 8 -8.58 -3.90 -2.70
CA PRO B 8 -8.97 -5.31 -2.70
C PRO B 8 -9.95 -5.65 -1.57
N PHE B 9 -10.67 -6.75 -1.73
CA PHE B 9 -11.62 -7.20 -0.73
C PHE B 9 -11.23 -8.58 -0.20
N GLN B 10 -9.99 -8.95 -0.47
CA GLN B 10 -9.49 -10.27 -0.08
C GLN B 10 -9.03 -10.25 1.38
N GLU A 4 7.82 0.23 10.39
CA GLU A 4 8.89 1.02 9.72
C GLU A 4 9.17 0.45 8.35
N LEU A 5 8.88 1.22 7.31
CA LEU A 5 9.10 0.75 5.95
C LEU A 5 10.46 1.19 5.45
N PRO A 6 10.97 0.50 4.43
CA PRO A 6 12.06 1.03 3.62
C PRO A 6 11.52 2.20 2.80
N GLU A 7 12.36 3.19 2.57
CA GLU A 7 11.87 4.44 1.99
C GLU A 7 11.45 4.28 0.54
N GLY A 8 10.16 4.08 0.38
CA GLY A 8 9.54 3.99 -0.93
C GLY A 8 8.16 3.36 -0.88
N TYR A 9 7.43 3.59 0.22
CA TYR A 9 6.09 3.03 0.39
C TYR A 9 5.21 4.06 1.07
N GLU A 10 4.09 4.38 0.45
CA GLU A 10 3.14 5.28 1.06
C GLU A 10 2.03 4.49 1.77
N GLN A 11 1.72 4.91 2.99
CA GLN A 11 0.75 4.20 3.80
C GLN A 11 -0.62 4.78 3.51
N ARG A 12 -1.47 3.99 2.89
CA ARG A 12 -2.77 4.46 2.50
C ARG A 12 -3.88 3.65 3.13
N THR A 13 -4.81 4.37 3.73
CA THR A 13 -5.96 3.77 4.39
C THR A 13 -7.25 4.31 3.78
N THR A 14 -8.09 3.40 3.30
CA THR A 14 -9.36 3.77 2.70
C THR A 14 -10.45 3.83 3.75
N VAL A 15 -11.45 4.70 3.53
CA VAL A 15 -12.63 4.80 4.40
C VAL A 15 -13.24 3.40 4.63
N GLN A 16 -12.97 2.53 3.67
CA GLN A 16 -13.27 1.11 3.76
C GLN A 16 -12.83 0.51 5.10
N GLY A 17 -11.71 1.00 5.62
CA GLY A 17 -11.20 0.51 6.89
C GLY A 17 -9.94 -0.33 6.75
N GLN A 18 -9.53 -0.58 5.52
CA GLN A 18 -8.36 -1.42 5.28
C GLN A 18 -7.18 -0.59 4.81
N VAL A 19 -5.99 -1.05 5.13
CA VAL A 19 -4.76 -0.39 4.71
C VAL A 19 -4.15 -1.15 3.53
N TYR A 20 -3.70 -0.42 2.53
CA TYR A 20 -3.00 -1.03 1.40
C TYR A 20 -1.72 -0.26 1.10
N PHE A 21 -0.61 -0.98 1.05
CA PHE A 21 0.71 -0.37 0.95
C PHE A 21 1.11 -0.19 -0.49
N LEU A 22 1.14 1.06 -0.92
CA LEU A 22 1.47 1.36 -2.29
C LEU A 22 2.85 1.92 -2.47
N HIS A 23 3.50 1.34 -3.44
CA HIS A 23 4.87 1.66 -3.81
C HIS A 23 4.97 1.61 -5.30
N THR A 24 4.86 2.73 -5.97
CA THR A 24 4.97 2.63 -7.38
C THR A 24 6.33 3.10 -7.87
N GLN A 25 7.23 2.15 -7.86
CA GLN A 25 8.30 2.02 -8.83
C GLN A 25 7.89 0.94 -9.84
N THR A 26 7.12 -0.03 -9.33
CA THR A 26 6.86 -1.28 -10.03
C THR A 26 5.45 -1.71 -9.75
N GLY A 27 4.73 -0.72 -9.44
CA GLY A 27 3.34 -0.84 -9.05
C GLY A 27 3.11 -1.85 -7.95
N VAL A 28 3.56 -1.55 -6.72
CA VAL A 28 3.16 -2.39 -5.58
C VAL A 28 1.88 -1.90 -4.95
N SER A 29 0.89 -2.78 -5.01
CA SER A 29 -0.37 -2.60 -4.30
C SER A 29 -0.69 -3.87 -3.52
N THR A 30 -0.50 -3.82 -2.22
CA THR A 30 -0.53 -5.04 -1.42
C THR A 30 -1.02 -4.80 0.00
N TRP A 31 -1.66 -5.82 0.58
CA TRP A 31 -2.15 -5.77 1.95
C TRP A 31 -1.00 -5.76 2.97
N HIS A 32 0.10 -6.42 2.64
CA HIS A 32 1.15 -6.67 3.63
C HIS A 32 2.16 -5.53 3.68
N ASP A 33 2.56 -5.18 4.89
CA ASP A 33 3.69 -4.27 5.10
C ASP A 33 4.92 -4.87 4.43
N PRO A 34 5.56 -4.16 3.51
CA PRO A 34 6.67 -4.71 2.74
C PRO A 34 7.91 -4.96 3.57
N ARG A 35 7.94 -4.39 4.75
CA ARG A 35 9.01 -4.63 5.68
C ARG A 35 8.77 -5.95 6.38
N ILE A 36 7.59 -6.50 6.11
CA ILE A 36 7.22 -7.81 6.63
C ILE A 36 6.82 -8.75 5.50
N THR B 1 1.81 10.98 -2.46
CA THR B 1 0.69 10.06 -2.20
C THR B 1 -0.23 10.00 -3.42
N SER B 2 -0.08 8.96 -4.22
CA SER B 2 -0.88 8.79 -5.42
C SER B 2 -1.08 7.31 -5.73
N ASP B 4 -2.91 4.35 -7.90
CA ASP B 4 -3.60 3.97 -9.12
C ASP B 4 -4.56 2.77 -8.97
N PRO B 5 -4.48 1.94 -7.89
CA PRO B 5 -5.16 0.67 -7.81
C PRO B 5 -6.48 0.74 -7.06
N GLY B 6 -7.34 -0.23 -7.28
CA GLY B 6 -8.56 -0.30 -6.50
C GLY B 6 -8.33 -1.12 -5.26
N PRO B 8 -8.86 -3.96 -2.44
CA PRO B 8 -9.21 -5.38 -2.55
C PRO B 8 -10.11 -5.87 -1.43
N PHE B 9 -10.88 -6.91 -1.73
CA PHE B 9 -11.70 -7.57 -0.72
C PHE B 9 -11.24 -9.02 -0.58
N GLN B 10 -10.30 -9.39 -1.42
CA GLN B 10 -9.76 -10.75 -1.42
C GLN B 10 -8.65 -10.88 -0.37
N GLU A 4 6.81 1.52 10.05
CA GLU A 4 7.95 2.14 9.35
C GLU A 4 8.43 1.23 8.22
N LEU A 5 8.41 1.76 7.01
CA LEU A 5 8.78 0.98 5.84
C LEU A 5 10.12 1.46 5.30
N PRO A 6 10.68 0.74 4.32
CA PRO A 6 11.76 1.28 3.51
C PRO A 6 11.21 2.38 2.61
N GLU A 7 12.08 3.29 2.22
CA GLU A 7 11.66 4.50 1.53
C GLU A 7 11.16 4.17 0.13
N GLY A 8 9.90 4.53 -0.12
CA GLY A 8 9.26 4.23 -1.39
C GLY A 8 7.83 3.80 -1.21
N TYR A 9 7.49 3.34 -0.01
CA TYR A 9 6.13 2.90 0.30
C TYR A 9 5.36 4.02 0.98
N GLU A 10 4.19 4.31 0.45
CA GLU A 10 3.29 5.23 1.12
C GLU A 10 2.19 4.46 1.83
N GLN A 11 1.97 4.80 3.09
CA GLN A 11 1.03 4.06 3.93
C GLN A 11 -0.36 4.65 3.80
N ARG A 12 -1.27 3.86 3.26
CA ARG A 12 -2.60 4.34 2.96
C ARG A 12 -3.60 3.91 4.01
N THR A 13 -4.62 4.72 4.21
CA THR A 13 -5.64 4.48 5.20
C THR A 13 -7.01 4.60 4.54
N THR A 14 -7.57 3.46 4.19
CA THR A 14 -8.75 3.42 3.35
C THR A 14 -10.03 3.44 4.16
N VAL A 15 -11.07 4.01 3.56
CA VAL A 15 -12.43 3.96 4.12
C VAL A 15 -12.90 2.51 4.24
N GLN A 16 -12.26 1.66 3.47
CA GLN A 16 -12.47 0.21 3.53
C GLN A 16 -12.21 -0.34 4.92
N GLY A 17 -11.42 0.40 5.70
CA GLY A 17 -11.00 -0.08 7.01
C GLY A 17 -9.78 -0.94 6.88
N GLN A 18 -9.05 -0.72 5.79
CA GLN A 18 -7.89 -1.51 5.44
C GLN A 18 -6.74 -0.57 5.11
N VAL A 19 -5.51 -1.01 5.34
CA VAL A 19 -4.36 -0.24 4.94
C VAL A 19 -3.62 -0.93 3.79
N TYR A 20 -3.72 -0.38 2.59
CA TYR A 20 -3.04 -0.96 1.44
C TYR A 20 -1.73 -0.22 1.15
N PHE A 21 -0.64 -0.99 1.10
CA PHE A 21 0.70 -0.42 0.95
C PHE A 21 1.09 -0.29 -0.50
N LEU A 22 1.22 0.95 -0.96
CA LEU A 22 1.59 1.20 -2.34
C LEU A 22 2.98 1.76 -2.50
N HIS A 23 3.66 1.18 -3.45
CA HIS A 23 5.01 1.54 -3.81
C HIS A 23 5.14 1.44 -5.30
N THR A 24 5.06 2.54 -6.02
CA THR A 24 5.19 2.39 -7.43
C THR A 24 6.65 2.58 -7.83
N GLN A 25 7.35 1.46 -7.78
CA GLN A 25 8.50 1.17 -8.60
C GLN A 25 8.06 0.25 -9.73
N THR A 26 7.27 -0.74 -9.33
CA THR A 26 6.91 -1.86 -10.15
C THR A 26 5.48 -2.18 -9.89
N GLY A 27 4.86 -1.14 -9.47
CA GLY A 27 3.49 -1.16 -9.05
C GLY A 27 3.23 -2.16 -7.94
N VAL A 28 3.66 -1.84 -6.72
CA VAL A 28 3.25 -2.65 -5.57
C VAL A 28 1.96 -2.13 -4.96
N SER A 29 0.95 -2.97 -5.05
CA SER A 29 -0.30 -2.78 -4.32
C SER A 29 -0.58 -4.06 -3.54
N THR A 30 -0.52 -3.97 -2.23
CA THR A 30 -0.50 -5.19 -1.44
C THR A 30 -1.13 -5.04 -0.06
N TRP A 31 -1.68 -6.15 0.43
CA TRP A 31 -2.31 -6.22 1.75
C TRP A 31 -1.28 -6.25 2.88
N HIS A 32 -0.05 -6.65 2.59
CA HIS A 32 0.94 -6.85 3.65
C HIS A 32 1.91 -5.68 3.74
N ASP A 33 2.31 -5.36 4.97
CA ASP A 33 3.37 -4.40 5.21
C ASP A 33 4.65 -4.93 4.55
N PRO A 34 5.28 -4.16 3.66
CA PRO A 34 6.43 -4.64 2.91
C PRO A 34 7.68 -4.80 3.74
N ARG A 35 7.67 -4.21 4.91
CA ARG A 35 8.77 -4.36 5.83
C ARG A 35 8.61 -5.69 6.53
N ILE A 36 7.46 -6.30 6.29
CA ILE A 36 7.17 -7.64 6.79
C ILE A 36 6.78 -8.59 5.65
N THR B 1 2.09 9.44 -3.59
CA THR B 1 1.22 10.48 -2.97
C THR B 1 -0.25 10.10 -3.12
N SER B 2 -0.64 9.73 -4.33
CA SER B 2 -1.99 9.27 -4.60
C SER B 2 -1.95 7.88 -5.22
N ASP B 4 -2.98 4.70 -7.65
CA ASP B 4 -3.51 4.36 -8.95
C ASP B 4 -4.36 3.06 -8.93
N PRO B 5 -4.16 2.12 -7.97
CA PRO B 5 -4.90 0.86 -7.95
C PRO B 5 -6.15 0.94 -7.08
N GLY B 6 -7.09 0.04 -7.32
CA GLY B 6 -8.31 -0.01 -6.54
C GLY B 6 -8.15 -0.89 -5.32
N PRO B 8 -8.96 -3.78 -2.60
CA PRO B 8 -9.40 -5.17 -2.76
C PRO B 8 -10.37 -5.66 -1.69
N PHE B 9 -11.39 -6.38 -2.16
CA PHE B 9 -12.30 -7.09 -1.27
C PHE B 9 -11.85 -8.54 -1.19
N GLN B 10 -10.67 -8.80 -1.72
CA GLN B 10 -10.10 -10.13 -1.80
C GLN B 10 -9.45 -10.51 -0.48
N GLU A 4 8.80 1.20 10.43
CA GLU A 4 9.96 1.56 9.59
C GLU A 4 9.97 0.73 8.30
N LEU A 5 9.81 1.40 7.17
CA LEU A 5 9.76 0.71 5.88
C LEU A 5 10.96 1.10 5.03
N PRO A 6 11.19 0.36 3.93
CA PRO A 6 12.09 0.80 2.87
C PRO A 6 11.50 1.97 2.10
N GLU A 7 12.36 2.64 1.37
CA GLU A 7 12.01 3.89 0.69
C GLU A 7 11.05 3.65 -0.47
N GLY A 8 9.91 4.35 -0.43
CA GLY A 8 9.02 4.36 -1.57
C GLY A 8 7.60 3.90 -1.28
N TYR A 9 7.33 3.48 -0.05
CA TYR A 9 6.00 2.98 0.30
C TYR A 9 5.20 4.06 1.00
N GLU A 10 3.98 4.29 0.54
CA GLU A 10 3.08 5.20 1.22
C GLU A 10 2.02 4.40 1.97
N GLN A 11 1.72 4.83 3.19
CA GLN A 11 0.72 4.14 4.00
C GLN A 11 -0.65 4.71 3.73
N ARG A 12 -1.45 3.95 3.01
CA ARG A 12 -2.75 4.42 2.57
C ARG A 12 -3.87 3.80 3.39
N THR A 13 -4.85 4.64 3.69
CA THR A 13 -6.00 4.28 4.51
C THR A 13 -7.30 4.70 3.81
N THR A 14 -7.98 3.75 3.23
CA THR A 14 -9.23 4.02 2.53
C THR A 14 -10.41 3.91 3.47
N VAL A 15 -11.47 4.67 3.17
CA VAL A 15 -12.72 4.63 3.94
C VAL A 15 -13.26 3.20 4.01
N GLN A 16 -12.77 2.36 3.12
CA GLN A 16 -13.04 0.92 3.14
C GLN A 16 -12.67 0.30 4.49
N GLY A 17 -11.75 0.96 5.20
CA GLY A 17 -11.38 0.52 6.53
C GLY A 17 -10.15 -0.38 6.53
N GLN A 18 -9.60 -0.63 5.35
CA GLN A 18 -8.45 -1.51 5.23
C GLN A 18 -7.25 -0.72 4.72
N VAL A 19 -6.06 -1.14 5.14
CA VAL A 19 -4.83 -0.47 4.72
C VAL A 19 -4.19 -1.20 3.54
N TYR A 20 -3.76 -0.46 2.54
CA TYR A 20 -3.04 -1.05 1.43
C TYR A 20 -1.76 -0.27 1.14
N PHE A 21 -0.63 -0.97 1.14
CA PHE A 21 0.69 -0.35 1.02
C PHE A 21 1.11 -0.24 -0.42
N LEU A 22 1.19 0.99 -0.90
CA LEU A 22 1.57 1.24 -2.28
C LEU A 22 2.94 1.85 -2.44
N HIS A 23 3.66 1.27 -3.37
CA HIS A 23 4.97 1.71 -3.79
C HIS A 23 5.03 1.62 -5.28
N THR A 24 4.82 2.70 -5.98
CA THR A 24 4.92 2.57 -7.40
C THR A 24 6.29 3.00 -7.89
N GLN A 25 7.18 2.03 -7.87
CA GLN A 25 8.27 1.91 -8.81
C GLN A 25 7.85 0.85 -9.80
N THR A 26 7.51 -0.29 -9.21
CA THR A 26 7.12 -1.49 -9.93
C THR A 26 5.71 -1.88 -9.62
N GLY A 27 5.02 -0.89 -9.26
CA GLY A 27 3.62 -0.98 -8.83
C GLY A 27 3.39 -2.02 -7.74
N VAL A 28 3.75 -1.69 -6.50
CA VAL A 28 3.40 -2.56 -5.38
C VAL A 28 2.07 -2.17 -4.79
N SER A 29 1.13 -3.08 -4.91
CA SER A 29 -0.18 -2.95 -4.26
C SER A 29 -0.42 -4.17 -3.40
N THR A 30 -0.27 -4.00 -2.09
CA THR A 30 -0.26 -5.13 -1.19
C THR A 30 -1.04 -4.88 0.09
N TRP A 31 -1.59 -5.96 0.64
CA TRP A 31 -2.25 -5.92 1.94
C TRP A 31 -1.21 -5.94 3.05
N HIS A 32 -0.09 -6.56 2.77
CA HIS A 32 0.92 -6.77 3.79
C HIS A 32 1.88 -5.60 3.87
N ASP A 33 2.26 -5.25 5.09
CA ASP A 33 3.32 -4.26 5.29
C ASP A 33 4.57 -4.73 4.54
N PRO A 34 5.18 -3.86 3.77
CA PRO A 34 6.28 -4.25 2.89
C PRO A 34 7.56 -4.56 3.61
N ARG A 35 7.63 -4.17 4.85
CA ARG A 35 8.77 -4.46 5.66
C ARG A 35 8.61 -5.83 6.28
N ILE A 36 7.46 -6.39 6.00
CA ILE A 36 7.12 -7.73 6.47
C ILE A 36 7.85 -8.78 5.64
N THR B 1 -0.73 9.08 0.13
CA THR B 1 -1.84 9.79 -0.55
C THR B 1 -1.64 9.74 -2.08
N SER B 2 -1.05 8.66 -2.57
CA SER B 2 -0.79 8.52 -3.98
C SER B 2 -0.94 7.06 -4.41
N ASP B 4 -2.54 4.38 -7.69
CA ASP B 4 -3.14 4.10 -8.99
C ASP B 4 -4.03 2.83 -9.01
N PRO B 5 -3.90 1.87 -8.05
CA PRO B 5 -4.62 0.61 -8.11
C PRO B 5 -5.91 0.64 -7.30
N GLY B 6 -6.81 -0.28 -7.59
CA GLY B 6 -8.05 -0.32 -6.88
C GLY B 6 -7.94 -1.18 -5.65
N PRO B 8 -8.82 -3.90 -2.72
CA PRO B 8 -9.28 -5.29 -2.75
C PRO B 8 -10.28 -5.63 -1.63
N PHE B 9 -11.16 -6.58 -1.92
CA PHE B 9 -12.10 -7.08 -0.93
C PHE B 9 -11.60 -8.38 -0.33
N GLN B 10 -10.52 -8.89 -0.94
CA GLN B 10 -9.92 -10.18 -0.55
C GLN B 10 -10.83 -11.33 -0.93
#